data_8QMP
#
_entry.id   8QMP
#
_cell.length_a   1.00
_cell.length_b   1.00
_cell.length_c   1.00
_cell.angle_alpha   90.00
_cell.angle_beta   90.00
_cell.angle_gamma   90.00
#
_symmetry.space_group_name_H-M   'P 1'
#
loop_
_entity.id
_entity.type
_entity.pdbx_description
1 polymer 'Calcium-transporting ATPase 8, plasma membrane-type'
2 non-polymer 'MAGNESIUM ION'
3 non-polymer 'BERYLLIUM TRIFLUORIDE ION'
#
_entity_poly.entity_id   1
_entity_poly.type   'polypeptide(L)'
_entity_poly.pdbx_seq_one_letter_code
;KSEHADSDSDTFYIPSKNASIERLQQWRKAALVLNASRRFRYTLDLKKEQETREMRQKIRSHAHALLAANRFMDMGRESG
VEKTTGPATPAGDFGITPEQLVIMSKDHNSGALEQYGGTQGLANLLKTNPEKGISGDDDDLLKRKTIYGSNTYPRKKGKG
FLRFLWDACHDLTLIILMVAAVASLALGIKTEGIKEGWYDGGSIAFAVILVIVVTAVSDYKQSLQFQNLNDEKRNIHLEV
LRGGRRVEISIYDIVVGDVIPLNIGNQVPADGVLISGHSLALDESSMTGESKIVNKDANKDPFLMSGCKVADGNGSMLVT
GVGVNTEWGLLMASISEDNGEETPLQVRLNGVATFIGSIGLAVAAAVLVILLTRYFTGHTKDNNGGPQFVKGKTKVGHVI
DDVVKVLTVAVTIVVVAVPEGLPLAVTLTLAYSMRKMMADKALVRRLSACETMGSATTICSDKTGTLTLNQMTVVESYAG
GKKTDTEQLPATITSLVVEGISQNTTGSIFVPEGGGDLEYSGSPTEKAILGWGVKLGMNFETARSQSSILHAFPFNSEKK
RGGVAVKTADGEVHVHWKGASEIVLASCRSYIDEDGNVAPMTDDKASFFKNGINDMAGRTLRCVALAFRTYEAEKVPTGE
ELSKWVLPEDDLILLAIVGIKDPCRPGVKDSVVLCQNAGVKVRMVTGDNVQTARAIALECGILSSDADLSEPTLIEGKSF
REMTDAERDKISDKISVMGRSSPNDKLLLVQSLRRQGHVVAVTGDGTNDAPALHEADIGLAMGIAGTEVAKESSDIIILD
DNFASVVKVVRWGRSVYANIQKFIQFQLTVNVAALVINVVAAISSGDVPLTAVQLLWVNLIMDTLGALALATEPPTDHLM
GRPPVGRKEPLITNIMWRNLLIQAIYQVSVLLTLNFRGISILGLEHEVHEHATRVKNTIIFNAFVLCQAFNEFNARKPDE
KNIFKGVIKNRLFMGIIVITLVLQVIIVEFLGKFASTTKLNWKQWLICVGIGVISWPLALVGKFIPVPAAPISNKLKVLK
FWGKKKNSSGEGSL
;
_entity_poly.pdbx_strand_id   A
#
loop_
_chem_comp.id
_chem_comp.type
_chem_comp.name
_chem_comp.formula
BEF non-polymer 'BERYLLIUM TRIFLUORIDE ION' 'Be F3 -1'
MG non-polymer 'MAGNESIUM ION' 'Mg 2'
#
# COMPACT_ATOMS: atom_id res chain seq x y z
N GLY A 95 27.52 -29.47 -21.23
CA GLY A 95 26.87 -30.07 -22.38
C GLY A 95 26.59 -29.05 -23.47
N ILE A 96 25.34 -28.60 -23.54
CA ILE A 96 24.92 -27.60 -24.51
C ILE A 96 23.99 -26.62 -23.82
N THR A 97 24.52 -25.47 -23.44
CA THR A 97 23.80 -24.46 -22.69
C THR A 97 23.30 -25.00 -21.35
N PRO A 98 24.14 -25.70 -20.57
CA PRO A 98 23.73 -26.07 -19.21
C PRO A 98 23.82 -24.88 -18.27
N GLU A 99 22.75 -24.08 -18.23
CA GLU A 99 22.59 -22.84 -17.48
C GLU A 99 23.51 -21.73 -17.99
N GLN A 100 24.32 -21.98 -19.02
CA GLN A 100 24.99 -20.88 -19.71
C GLN A 100 23.98 -19.93 -20.32
N LEU A 101 22.77 -20.42 -20.61
CA LEU A 101 21.73 -19.59 -21.21
C LEU A 101 21.22 -18.52 -20.24
N VAL A 102 21.20 -18.82 -18.94
CA VAL A 102 20.92 -17.77 -17.96
C VAL A 102 21.97 -16.68 -18.06
N ILE A 103 23.23 -17.06 -18.31
CA ILE A 103 24.28 -16.07 -18.51
C ILE A 103 24.02 -15.28 -19.79
N MET A 104 23.60 -15.96 -20.86
CA MET A 104 23.31 -15.27 -22.11
C MET A 104 22.25 -14.20 -21.89
N SER A 105 21.16 -14.55 -21.21
CA SER A 105 20.13 -13.57 -20.91
C SER A 105 20.68 -12.47 -20.01
N LYS A 106 21.53 -12.85 -19.04
CA LYS A 106 22.11 -11.86 -18.14
C LYS A 106 22.93 -10.83 -18.90
N ASP A 107 23.71 -11.27 -19.88
CA ASP A 107 24.57 -10.38 -20.62
C ASP A 107 23.75 -9.28 -21.31
N HIS A 108 24.46 -8.30 -21.86
CA HIS A 108 23.81 -7.17 -22.50
C HIS A 108 23.03 -7.63 -23.72
N ASN A 109 22.09 -6.77 -24.15
CA ASN A 109 21.24 -7.10 -25.28
C ASN A 109 22.07 -7.40 -26.52
N SER A 110 21.69 -8.44 -27.24
CA SER A 110 22.43 -8.93 -28.41
C SER A 110 23.87 -9.27 -28.07
N GLY A 111 24.16 -9.52 -26.79
CA GLY A 111 25.50 -9.81 -26.33
C GLY A 111 25.63 -11.28 -25.94
N ALA A 112 26.67 -11.92 -26.45
CA ALA A 112 26.97 -13.32 -26.17
C ALA A 112 26.03 -14.26 -26.93
N LEU A 113 25.03 -13.69 -27.62
CA LEU A 113 24.18 -14.51 -28.47
C LEU A 113 24.87 -14.87 -29.77
N GLU A 114 25.80 -14.03 -30.23
CA GLU A 114 26.56 -14.33 -31.43
C GLU A 114 27.55 -15.47 -31.20
N GLN A 115 28.08 -15.58 -29.98
CA GLN A 115 29.02 -16.66 -29.68
C GLN A 115 28.36 -18.03 -29.82
N TYR A 116 27.05 -18.11 -29.61
CA TYR A 116 26.32 -19.36 -29.72
C TYR A 116 25.74 -19.59 -31.11
N GLY A 117 25.99 -18.68 -32.05
CA GLY A 117 25.47 -18.81 -33.39
C GLY A 117 24.18 -18.08 -33.68
N GLY A 118 23.75 -17.20 -32.78
CA GLY A 118 22.51 -16.47 -32.97
C GLY A 118 21.30 -17.28 -32.59
N THR A 119 20.12 -16.71 -32.88
CA THR A 119 18.87 -17.38 -32.55
C THR A 119 18.71 -18.68 -33.32
N GLN A 120 19.03 -18.67 -34.62
CA GLN A 120 18.96 -19.89 -35.40
C GLN A 120 20.01 -20.90 -34.95
N GLY A 121 21.21 -20.41 -34.63
CA GLY A 121 22.23 -21.31 -34.11
C GLY A 121 21.81 -21.97 -32.81
N LEU A 122 21.02 -21.26 -32.00
CA LEU A 122 20.47 -21.86 -30.79
C LEU A 122 19.57 -23.05 -31.12
N ALA A 123 19.05 -23.12 -32.33
CA ALA A 123 18.34 -24.32 -32.76
C ALA A 123 19.31 -25.49 -32.87
N ASN A 124 18.77 -26.69 -32.65
CA ASN A 124 19.57 -27.90 -32.50
C ASN A 124 20.28 -27.90 -31.15
N LEU A 125 20.22 -26.77 -30.44
CA LEU A 125 20.59 -26.66 -29.05
C LEU A 125 19.31 -26.46 -28.24
N LEU A 126 19.23 -27.12 -27.10
CA LEU A 126 17.97 -27.28 -26.39
C LEU A 126 17.00 -28.14 -27.20
N LYS A 127 17.52 -28.92 -28.16
CA LYS A 127 16.73 -29.86 -28.95
C LYS A 127 15.56 -29.16 -29.64
N THR A 128 15.82 -27.96 -30.17
CA THR A 128 14.79 -27.14 -30.78
C THR A 128 14.92 -27.21 -32.30
N ASN A 129 13.84 -27.56 -32.97
CA ASN A 129 13.72 -27.44 -34.41
C ASN A 129 12.64 -26.42 -34.75
N PRO A 130 12.86 -25.52 -35.70
CA PRO A 130 11.84 -24.49 -35.97
C PRO A 130 10.48 -25.08 -36.29
N GLU A 131 10.43 -26.20 -37.03
CA GLU A 131 9.17 -26.86 -37.29
C GLU A 131 8.67 -27.62 -36.06
N LYS A 132 9.59 -28.32 -35.37
CA LYS A 132 9.26 -29.16 -34.23
C LYS A 132 9.93 -28.61 -32.99
N GLY A 133 9.16 -27.93 -32.14
CA GLY A 133 9.68 -27.42 -30.89
C GLY A 133 9.90 -28.47 -29.83
N ILE A 134 9.35 -29.67 -30.01
CA ILE A 134 9.51 -30.76 -29.07
C ILE A 134 9.50 -32.07 -29.84
N SER A 135 10.27 -33.03 -29.36
CA SER A 135 10.23 -34.37 -29.93
C SER A 135 8.91 -35.05 -29.58
N GLY A 136 8.58 -36.08 -30.37
CA GLY A 136 7.31 -36.76 -30.18
C GLY A 136 7.16 -37.38 -28.81
N ASP A 137 8.25 -37.89 -28.25
CA ASP A 137 8.19 -38.61 -26.99
C ASP A 137 8.03 -37.64 -25.82
N ASP A 138 7.77 -38.22 -24.65
CA ASP A 138 7.62 -37.45 -23.41
C ASP A 138 8.92 -37.36 -22.61
N ASP A 139 9.85 -38.28 -22.81
CA ASP A 139 11.16 -38.15 -22.19
C ASP A 139 11.88 -36.89 -22.69
N ASP A 140 11.67 -36.54 -23.95
CA ASP A 140 12.23 -35.30 -24.48
C ASP A 140 11.67 -34.08 -23.75
N LEU A 141 10.52 -34.22 -23.10
CA LEU A 141 9.96 -33.15 -22.28
C LEU A 141 10.43 -33.25 -20.84
N LEU A 142 10.59 -34.47 -20.32
CA LEU A 142 11.08 -34.63 -18.95
C LEU A 142 12.51 -34.13 -18.82
N LYS A 143 13.32 -34.35 -19.84
CA LYS A 143 14.69 -33.84 -19.82
C LYS A 143 14.70 -32.32 -19.69
N ARG A 144 13.85 -31.65 -20.47
CA ARG A 144 13.76 -30.20 -20.38
C ARG A 144 13.20 -29.75 -19.05
N LYS A 145 12.27 -30.52 -18.50
CA LYS A 145 11.73 -30.20 -17.19
C LYS A 145 12.82 -30.25 -16.13
N THR A 146 13.71 -31.24 -16.21
CA THR A 146 14.74 -31.42 -15.19
C THR A 146 15.91 -30.46 -15.38
N ILE A 147 16.60 -30.55 -16.52
CA ILE A 147 17.84 -29.80 -16.69
C ILE A 147 17.59 -28.30 -16.64
N TYR A 148 16.62 -27.82 -17.41
CA TYR A 148 16.32 -26.41 -17.51
C TYR A 148 15.19 -25.97 -16.58
N GLY A 149 14.64 -26.89 -15.78
CA GLY A 149 13.61 -26.55 -14.82
C GLY A 149 12.22 -26.57 -15.40
N SER A 150 11.29 -26.05 -14.62
CA SER A 150 9.88 -25.95 -14.99
C SER A 150 9.37 -24.56 -14.69
N ASN A 151 8.32 -24.16 -15.41
CA ASN A 151 7.82 -22.80 -15.32
C ASN A 151 7.05 -22.52 -14.05
N THR A 152 6.77 -23.52 -13.23
CA THR A 152 6.03 -23.31 -12.00
C THR A 152 6.86 -22.54 -10.99
N TYR A 153 6.32 -21.43 -10.48
CA TYR A 153 6.97 -20.67 -9.42
C TYR A 153 6.38 -21.04 -8.08
N PRO A 154 7.19 -21.30 -7.04
CA PRO A 154 6.61 -21.66 -5.75
C PRO A 154 5.72 -20.54 -5.21
N ARG A 155 4.63 -20.94 -4.57
CA ARG A 155 3.65 -20.02 -4.02
C ARG A 155 3.70 -20.05 -2.50
N LYS A 156 3.78 -18.87 -1.89
CA LYS A 156 3.86 -18.79 -0.43
C LYS A 156 2.55 -19.26 0.20
N LYS A 157 2.69 -19.88 1.37
CA LYS A 157 1.56 -20.40 2.13
C LYS A 157 1.50 -19.71 3.48
N GLY A 158 0.31 -19.26 3.86
CA GLY A 158 0.12 -18.57 5.13
C GLY A 158 -0.95 -19.23 5.99
N LYS A 159 -0.93 -18.93 7.29
CA LYS A 159 -1.89 -19.51 8.23
C LYS A 159 -1.84 -21.04 8.20
N GLY A 160 -0.63 -21.58 8.08
CA GLY A 160 -0.50 -23.03 7.96
C GLY A 160 -1.05 -23.77 9.17
N PHE A 161 -0.66 -23.34 10.36
CA PHE A 161 -1.16 -23.95 11.60
C PHE A 161 -1.19 -22.87 12.68
N LEU A 162 -2.33 -22.20 12.80
CA LEU A 162 -2.56 -21.17 13.81
C LEU A 162 -1.30 -20.31 14.01
N ARG A 163 -0.70 -19.92 12.89
CA ARG A 163 0.54 -19.14 12.95
C ARG A 163 0.29 -17.78 13.58
N PHE A 164 -0.84 -17.15 13.25
CA PHE A 164 -1.11 -15.80 13.74
C PHE A 164 -1.34 -15.80 15.25
N LEU A 165 -1.96 -16.86 15.79
CA LEU A 165 -2.06 -16.98 17.24
C LEU A 165 -0.68 -17.02 17.88
N TRP A 166 0.24 -17.77 17.28
CA TRP A 166 1.61 -17.84 17.79
C TRP A 166 2.29 -16.48 17.72
N ASP A 167 2.10 -15.75 16.60
CA ASP A 167 2.68 -14.43 16.48
C ASP A 167 2.14 -13.49 17.55
N ALA A 168 0.84 -13.54 17.80
CA ALA A 168 0.26 -12.72 18.87
C ALA A 168 0.84 -13.11 20.22
N CYS A 169 0.98 -14.41 20.47
CA CYS A 169 1.56 -14.87 21.73
C CYS A 169 2.99 -14.37 21.90
N HIS A 170 3.69 -14.12 20.79
CA HIS A 170 5.07 -13.67 20.88
C HIS A 170 5.21 -12.22 21.34
N ASP A 171 4.11 -11.52 21.62
CA ASP A 171 4.21 -10.15 22.10
C ASP A 171 4.97 -10.11 23.43
N LEU A 172 5.95 -9.21 23.52
CA LEU A 172 6.78 -9.16 24.72
C LEU A 172 5.97 -8.75 25.95
N THR A 173 5.19 -7.67 25.83
CA THR A 173 4.29 -7.31 26.93
C THR A 173 3.32 -8.44 27.22
N LEU A 174 2.84 -9.11 26.17
CA LEU A 174 1.98 -10.27 26.38
C LEU A 174 2.72 -11.38 27.09
N ILE A 175 4.02 -11.54 26.81
CA ILE A 175 4.80 -12.56 27.50
C ILE A 175 4.91 -12.23 28.98
N ILE A 176 5.17 -10.97 29.31
CA ILE A 176 5.17 -10.55 30.71
C ILE A 176 3.83 -10.87 31.35
N LEU A 177 2.74 -10.60 30.61
CA LEU A 177 1.41 -10.87 31.15
C LEU A 177 1.22 -12.37 31.39
N MET A 178 1.70 -13.22 30.49
CA MET A 178 1.56 -14.66 30.66
C MET A 178 2.34 -15.13 31.89
N VAL A 179 3.58 -14.67 32.06
CA VAL A 179 4.35 -15.14 33.21
C VAL A 179 3.69 -14.68 34.50
N ALA A 180 3.25 -13.42 34.55
CA ALA A 180 2.56 -12.93 35.74
C ALA A 180 1.27 -13.71 35.98
N ALA A 181 0.56 -14.06 34.91
CA ALA A 181 -0.70 -14.79 35.03
C ALA A 181 -0.47 -16.17 35.61
N VAL A 182 0.52 -16.90 35.10
CA VAL A 182 0.82 -18.23 35.63
C VAL A 182 1.22 -18.12 37.10
N ALA A 183 2.11 -17.17 37.41
CA ALA A 183 2.53 -16.99 38.79
C ALA A 183 1.33 -16.74 39.68
N SER A 184 0.48 -15.78 39.32
CA SER A 184 -0.64 -15.41 40.18
C SER A 184 -1.64 -16.55 40.31
N LEU A 185 -1.93 -17.25 39.21
CA LEU A 185 -2.88 -18.35 39.27
C LEU A 185 -2.40 -19.42 40.23
N ALA A 186 -1.16 -19.89 40.05
CA ALA A 186 -0.65 -20.93 40.95
C ALA A 186 -0.60 -20.43 42.38
N LEU A 187 -0.14 -19.20 42.58
CA LEU A 187 0.05 -18.68 43.92
C LEU A 187 -1.28 -18.55 44.65
N GLY A 188 -2.29 -17.99 43.98
CA GLY A 188 -3.60 -17.86 44.61
C GLY A 188 -4.27 -19.20 44.86
N ILE A 189 -4.20 -20.12 43.88
CA ILE A 189 -4.86 -21.40 44.06
C ILE A 189 -4.21 -22.16 45.22
N LYS A 190 -2.91 -21.96 45.45
CA LYS A 190 -2.30 -22.53 46.64
C LYS A 190 -2.62 -21.74 47.90
N THR A 191 -2.79 -20.42 47.80
CA THR A 191 -3.09 -19.61 48.96
C THR A 191 -4.44 -20.00 49.57
N GLU A 192 -5.48 -20.01 48.75
CA GLU A 192 -6.79 -20.40 49.27
C GLU A 192 -6.87 -21.90 49.52
N GLY A 193 -6.18 -22.70 48.71
CA GLY A 193 -6.14 -24.13 48.88
C GLY A 193 -7.40 -24.85 48.47
N ILE A 194 -8.43 -24.13 48.03
CA ILE A 194 -9.67 -24.79 47.60
C ILE A 194 -9.44 -25.58 46.32
N LYS A 195 -8.67 -25.01 45.39
CA LYS A 195 -8.36 -25.68 44.13
C LYS A 195 -9.63 -25.99 43.35
N GLU A 196 -10.60 -25.08 43.41
CA GLU A 196 -11.84 -25.19 42.65
C GLU A 196 -12.08 -23.88 41.92
N GLY A 197 -12.35 -23.96 40.63
CA GLY A 197 -12.63 -22.78 39.82
C GLY A 197 -11.38 -22.11 39.29
N TRP A 198 -11.60 -21.10 38.45
CA TRP A 198 -10.52 -20.36 37.82
C TRP A 198 -10.76 -18.85 37.91
N TYR A 199 -11.46 -18.40 38.94
CA TYR A 199 -11.76 -16.97 39.06
C TYR A 199 -10.55 -16.15 39.49
N ASP A 200 -9.63 -16.76 40.25
CA ASP A 200 -8.50 -16.00 40.77
C ASP A 200 -7.63 -15.45 39.64
N GLY A 201 -7.22 -16.31 38.71
CA GLY A 201 -6.48 -15.91 37.54
C GLY A 201 -7.30 -15.88 36.28
N GLY A 202 -8.62 -16.04 36.37
CA GLY A 202 -9.44 -16.11 35.19
C GLY A 202 -9.40 -14.84 34.37
N SER A 203 -9.46 -13.68 35.04
CA SER A 203 -9.46 -12.42 34.31
C SER A 203 -8.12 -12.20 33.60
N ILE A 204 -7.01 -12.49 34.27
CA ILE A 204 -5.71 -12.26 33.65
C ILE A 204 -5.49 -13.23 32.49
N ALA A 205 -5.95 -14.47 32.63
CA ALA A 205 -5.88 -15.39 31.49
C ALA A 205 -6.78 -14.93 30.36
N PHE A 206 -7.98 -14.45 30.68
CA PHE A 206 -8.91 -14.02 29.65
C PHE A 206 -8.41 -12.79 28.92
N ALA A 207 -7.61 -11.95 29.57
CA ALA A 207 -7.07 -10.79 28.89
C ALA A 207 -6.21 -11.20 27.69
N VAL A 208 -5.23 -12.07 27.92
CA VAL A 208 -4.37 -12.51 26.84
C VAL A 208 -5.15 -13.40 25.87
N ILE A 209 -6.11 -14.19 26.36
CA ILE A 209 -6.92 -15.00 25.45
C ILE A 209 -7.68 -14.09 24.49
N LEU A 210 -8.27 -13.01 25.00
CA LEU A 210 -9.00 -12.08 24.16
C LEU A 210 -8.06 -11.40 23.17
N VAL A 211 -6.88 -10.99 23.63
CA VAL A 211 -5.91 -10.38 22.70
C VAL A 211 -5.62 -11.35 21.56
N ILE A 212 -5.32 -12.60 21.89
CA ILE A 212 -4.95 -13.59 20.89
C ILE A 212 -6.10 -13.81 19.92
N VAL A 213 -7.31 -13.98 20.45
CA VAL A 213 -8.46 -14.29 19.61
C VAL A 213 -8.75 -13.11 18.68
N VAL A 214 -8.74 -11.88 19.21
CA VAL A 214 -9.04 -10.72 18.39
C VAL A 214 -8.00 -10.56 17.29
N THR A 215 -6.72 -10.66 17.64
CA THR A 215 -5.68 -10.53 16.62
C THR A 215 -5.82 -11.62 15.56
N ALA A 216 -6.03 -12.87 15.99
CA ALA A 216 -6.13 -13.97 15.04
C ALA A 216 -7.31 -13.75 14.09
N VAL A 217 -8.47 -13.40 14.64
CA VAL A 217 -9.65 -13.23 13.81
C VAL A 217 -9.45 -12.08 12.82
N SER A 218 -8.98 -10.93 13.32
CA SER A 218 -8.82 -9.77 12.45
C SER A 218 -7.82 -10.06 11.33
N ASP A 219 -6.68 -10.66 11.67
CA ASP A 219 -5.66 -10.92 10.66
C ASP A 219 -6.07 -12.02 9.71
N TYR A 220 -6.81 -13.02 10.18
CA TYR A 220 -7.32 -14.05 9.28
C TYR A 220 -8.28 -13.43 8.26
N LYS A 221 -9.19 -12.58 8.73
CA LYS A 221 -10.12 -11.94 7.81
C LYS A 221 -9.37 -11.08 6.80
N GLN A 222 -8.42 -10.28 7.27
CA GLN A 222 -7.67 -9.42 6.37
C GLN A 222 -6.86 -10.24 5.36
N SER A 223 -6.24 -11.33 5.82
CA SER A 223 -5.40 -12.14 4.94
C SER A 223 -6.24 -12.83 3.89
N LEU A 224 -7.38 -13.42 4.27
CA LEU A 224 -8.21 -14.08 3.26
C LEU A 224 -8.79 -13.06 2.28
N GLN A 225 -9.17 -11.88 2.77
CA GLN A 225 -9.66 -10.84 1.88
C GLN A 225 -8.59 -10.42 0.88
N PHE A 226 -7.36 -10.24 1.36
CA PHE A 226 -6.27 -9.87 0.46
C PHE A 226 -5.98 -10.98 -0.53
N GLN A 227 -6.03 -12.24 -0.08
CA GLN A 227 -5.79 -13.36 -0.98
C GLN A 227 -6.83 -13.41 -2.08
N ASN A 228 -8.10 -13.18 -1.73
CA ASN A 228 -9.15 -13.16 -2.75
C ASN A 228 -8.98 -11.99 -3.71
N LEU A 229 -8.67 -10.80 -3.19
CA LEU A 229 -8.61 -9.62 -4.05
C LEU A 229 -7.39 -9.66 -4.98
N ASN A 230 -6.22 -9.95 -4.43
CA ASN A 230 -4.99 -9.88 -5.22
C ASN A 230 -4.92 -10.97 -6.28
N ASP A 231 -5.71 -12.03 -6.15
CA ASP A 231 -5.65 -13.16 -7.09
C ASP A 231 -6.20 -12.69 -8.43
N GLU A 232 -5.30 -12.37 -9.36
CA GLU A 232 -5.66 -11.91 -10.70
C GLU A 232 -5.09 -12.88 -11.71
N LYS A 233 -5.92 -13.28 -12.68
CA LYS A 233 -5.52 -14.24 -13.70
C LYS A 233 -4.96 -13.48 -14.91
N ARG A 234 -3.79 -12.88 -14.69
CA ARG A 234 -3.10 -12.20 -15.78
C ARG A 234 -2.63 -13.17 -16.84
N ASN A 235 -2.27 -14.40 -16.45
CA ASN A 235 -1.80 -15.38 -17.41
C ASN A 235 -2.86 -15.67 -18.46
N ILE A 236 -2.42 -15.82 -19.70
CA ILE A 236 -3.29 -16.18 -20.82
C ILE A 236 -2.78 -17.48 -21.41
N HIS A 237 -3.63 -18.50 -21.43
CA HIS A 237 -3.25 -19.80 -21.96
C HIS A 237 -3.34 -19.79 -23.47
N LEU A 238 -2.35 -20.41 -24.12
CA LEU A 238 -2.24 -20.36 -25.57
C LEU A 238 -1.53 -21.61 -26.06
N GLU A 239 -1.56 -21.80 -27.38
CA GLU A 239 -0.84 -22.91 -27.99
C GLU A 239 0.66 -22.68 -27.88
N VAL A 240 1.40 -23.78 -27.73
CA VAL A 240 2.84 -23.69 -27.57
C VAL A 240 3.58 -23.79 -28.91
N LEU A 241 2.92 -24.26 -29.96
CA LEU A 241 3.48 -24.26 -31.31
C LEU A 241 4.77 -25.08 -31.37
N ARG A 242 4.64 -26.38 -31.13
CA ARG A 242 5.74 -27.32 -31.32
C ARG A 242 5.20 -28.52 -32.10
N GLY A 243 5.44 -28.52 -33.40
CA GLY A 243 4.99 -29.63 -34.25
C GLY A 243 3.50 -29.81 -34.29
N GLY A 244 2.73 -28.79 -33.93
CA GLY A 244 1.29 -28.93 -33.89
C GLY A 244 0.82 -30.02 -32.95
N ARG A 245 1.50 -30.17 -31.81
CA ARG A 245 1.17 -31.21 -30.83
C ARG A 245 1.01 -30.56 -29.46
N ARG A 246 0.19 -31.19 -28.63
CA ARG A 246 -0.11 -30.70 -27.29
C ARG A 246 -0.49 -29.23 -27.34
N VAL A 247 -1.59 -28.97 -28.05
CA VAL A 247 -2.07 -27.61 -28.25
C VAL A 247 -2.81 -27.14 -27.00
N GLU A 248 -2.68 -25.85 -26.70
CA GLU A 248 -3.43 -25.19 -25.62
C GLU A 248 -3.16 -25.87 -24.28
N ILE A 249 -1.91 -25.74 -23.84
CA ILE A 249 -1.49 -26.19 -22.52
C ILE A 249 -1.25 -24.96 -21.65
N SER A 250 -1.48 -25.12 -20.36
CA SER A 250 -1.31 -24.02 -19.42
C SER A 250 0.12 -23.48 -19.49
N ILE A 251 0.28 -22.22 -19.12
CA ILE A 251 1.59 -21.59 -19.21
C ILE A 251 2.60 -22.31 -18.33
N TYR A 252 2.14 -22.95 -17.26
CA TYR A 252 3.04 -23.69 -16.38
C TYR A 252 3.62 -24.93 -17.05
N ASP A 253 3.08 -25.35 -18.17
CA ASP A 253 3.56 -26.53 -18.89
C ASP A 253 4.59 -26.19 -19.96
N ILE A 254 4.86 -24.92 -20.20
CA ILE A 254 5.85 -24.52 -21.21
C ILE A 254 7.25 -24.77 -20.66
N VAL A 255 8.10 -25.39 -21.47
CA VAL A 255 9.43 -25.79 -21.05
C VAL A 255 10.43 -25.29 -22.10
N VAL A 256 11.69 -25.14 -21.68
CA VAL A 256 12.69 -24.50 -22.53
C VAL A 256 13.00 -25.39 -23.73
N GLY A 257 12.94 -24.81 -24.92
CA GLY A 257 13.21 -25.52 -26.15
C GLY A 257 12.05 -25.54 -27.13
N ASP A 258 10.93 -24.88 -26.86
CA ASP A 258 9.75 -24.91 -27.73
C ASP A 258 9.36 -23.50 -28.13
N VAL A 259 8.96 -23.34 -29.38
CA VAL A 259 8.71 -22.02 -29.96
C VAL A 259 7.23 -21.72 -29.87
N ILE A 260 6.90 -20.65 -29.15
CA ILE A 260 5.52 -20.26 -28.86
C ILE A 260 5.16 -19.01 -29.65
N PRO A 261 3.90 -18.85 -30.08
CA PRO A 261 3.53 -17.63 -30.80
C PRO A 261 2.97 -16.55 -29.90
N LEU A 262 3.18 -15.31 -30.32
CA LEU A 262 2.76 -14.12 -29.58
C LEU A 262 2.05 -13.18 -30.54
N ASN A 263 0.95 -12.59 -30.08
CA ASN A 263 0.14 -11.68 -30.87
C ASN A 263 -0.13 -10.42 -30.05
N ILE A 264 -0.81 -9.45 -30.67
CA ILE A 264 -1.06 -8.18 -30.01
C ILE A 264 -1.96 -8.41 -28.80
N GLY A 265 -1.55 -7.85 -27.67
CA GLY A 265 -2.28 -7.98 -26.43
C GLY A 265 -1.91 -9.19 -25.59
N ASN A 266 -1.23 -10.17 -26.18
CA ASN A 266 -0.84 -11.36 -25.43
C ASN A 266 0.13 -10.99 -24.32
N GLN A 267 0.44 -11.98 -23.48
CA GLN A 267 1.41 -11.84 -22.41
C GLN A 267 2.54 -12.84 -22.63
N VAL A 268 3.78 -12.35 -22.55
CA VAL A 268 4.94 -13.22 -22.73
C VAL A 268 5.05 -14.11 -21.50
N PRO A 269 4.94 -15.43 -21.63
CA PRO A 269 4.93 -16.28 -20.44
C PRO A 269 6.29 -16.47 -19.78
N ALA A 270 7.33 -16.68 -20.60
CA ALA A 270 8.64 -17.05 -20.09
C ALA A 270 9.71 -16.27 -20.84
N ASP A 271 10.87 -16.14 -20.20
CA ASP A 271 11.99 -15.45 -20.83
C ASP A 271 12.38 -16.18 -22.12
N GLY A 272 12.59 -15.43 -23.19
CA GLY A 272 12.90 -16.05 -24.46
C GLY A 272 13.51 -15.09 -25.44
N VAL A 273 13.88 -15.63 -26.60
CA VAL A 273 14.45 -14.88 -27.70
C VAL A 273 13.55 -15.10 -28.91
N LEU A 274 13.20 -14.01 -29.59
CA LEU A 274 12.27 -14.11 -30.71
C LEU A 274 12.97 -14.76 -31.90
N ILE A 275 12.34 -15.79 -32.46
CA ILE A 275 12.92 -16.50 -33.60
C ILE A 275 12.35 -16.00 -34.92
N SER A 276 11.24 -15.27 -34.90
CA SER A 276 10.71 -14.63 -36.10
C SER A 276 9.56 -13.72 -35.68
N GLY A 277 9.38 -12.63 -36.42
CA GLY A 277 8.31 -11.71 -36.07
C GLY A 277 8.07 -10.72 -37.18
N HIS A 278 7.01 -9.93 -36.99
CA HIS A 278 6.60 -8.89 -37.94
C HIS A 278 6.41 -7.60 -37.16
N SER A 279 7.48 -6.84 -36.98
CA SER A 279 7.44 -5.57 -36.26
C SER A 279 6.86 -5.75 -34.85
N LEU A 280 7.24 -6.84 -34.20
CA LEU A 280 6.79 -7.08 -32.84
C LEU A 280 7.35 -6.03 -31.90
N ALA A 281 6.53 -5.59 -30.95
CA ALA A 281 6.95 -4.62 -29.96
C ALA A 281 6.26 -4.93 -28.63
N LEU A 282 7.05 -4.97 -27.56
CA LEU A 282 6.59 -5.39 -26.25
C LEU A 282 6.40 -4.19 -25.33
N ASP A 283 5.51 -4.34 -24.36
CA ASP A 283 5.29 -3.36 -23.30
C ASP A 283 5.97 -3.90 -22.05
N GLU A 284 7.22 -3.52 -21.85
CA GLU A 284 8.04 -4.01 -20.75
C GLU A 284 7.88 -3.19 -19.48
N SER A 285 6.95 -2.23 -19.47
CA SER A 285 6.81 -1.36 -18.31
C SER A 285 6.61 -2.13 -17.02
N SER A 286 5.98 -3.30 -17.11
CA SER A 286 5.79 -4.12 -15.91
C SER A 286 7.12 -4.59 -15.35
N MET A 287 8.05 -4.99 -16.22
CA MET A 287 9.30 -5.61 -15.80
C MET A 287 10.46 -4.62 -15.75
N THR A 288 10.51 -3.64 -16.66
CA THR A 288 11.62 -2.69 -16.69
C THR A 288 11.22 -1.26 -16.33
N GLY A 289 9.93 -0.94 -16.38
CA GLY A 289 9.47 0.39 -16.03
C GLY A 289 9.54 1.42 -17.12
N GLU A 290 9.80 1.03 -18.36
CA GLU A 290 9.87 1.95 -19.48
C GLU A 290 8.48 2.10 -20.09
N SER A 291 7.99 3.35 -20.13
CA SER A 291 6.64 3.60 -20.62
C SER A 291 6.52 3.23 -22.10
N LYS A 292 7.45 3.70 -22.92
CA LYS A 292 7.37 3.44 -24.36
C LYS A 292 7.54 1.95 -24.63
N ILE A 293 6.81 1.45 -25.62
CA ILE A 293 6.94 0.05 -26.01
C ILE A 293 8.31 -0.17 -26.65
N VAL A 294 8.87 -1.35 -26.42
CA VAL A 294 10.18 -1.70 -26.95
C VAL A 294 10.00 -2.48 -28.25
N ASN A 295 10.73 -2.09 -29.28
CA ASN A 295 10.67 -2.77 -30.57
C ASN A 295 11.68 -3.91 -30.58
N LYS A 296 11.20 -5.12 -30.88
CA LYS A 296 12.01 -6.32 -30.85
C LYS A 296 12.28 -6.79 -32.27
N ASP A 297 13.55 -7.10 -32.55
CA ASP A 297 13.97 -7.60 -33.85
C ASP A 297 14.75 -8.90 -33.67
N ALA A 298 14.69 -9.76 -34.68
CA ALA A 298 15.36 -11.05 -34.61
C ALA A 298 16.87 -10.92 -34.54
N ASN A 299 17.43 -9.76 -34.84
CA ASN A 299 18.87 -9.55 -34.80
C ASN A 299 19.28 -8.38 -33.92
N LYS A 300 18.48 -7.32 -33.86
CA LYS A 300 18.86 -6.13 -33.10
C LYS A 300 18.68 -6.35 -31.60
N ASP A 301 17.44 -6.65 -31.17
CA ASP A 301 17.11 -6.83 -29.77
C ASP A 301 16.30 -8.11 -29.61
N PRO A 302 16.91 -9.28 -29.80
CA PRO A 302 16.18 -10.55 -29.67
C PRO A 302 16.16 -11.06 -28.23
N PHE A 303 15.35 -10.43 -27.40
CA PHE A 303 15.21 -10.83 -26.00
C PHE A 303 13.82 -10.43 -25.53
N LEU A 304 12.97 -11.41 -25.23
CA LEU A 304 11.64 -11.20 -24.70
C LEU A 304 11.61 -11.65 -23.25
N MET A 305 11.07 -10.80 -22.38
CA MET A 305 11.07 -11.04 -20.95
C MET A 305 9.74 -11.61 -20.49
N SER A 306 9.79 -12.46 -19.47
CA SER A 306 8.58 -13.05 -18.93
C SER A 306 7.72 -11.97 -18.27
N GLY A 307 6.41 -12.20 -18.27
CA GLY A 307 5.48 -11.24 -17.69
C GLY A 307 5.48 -9.93 -18.44
N CYS A 308 5.44 -9.99 -19.77
CA CYS A 308 5.42 -8.80 -20.62
C CYS A 308 4.22 -8.87 -21.54
N LYS A 309 3.68 -7.70 -21.88
CA LYS A 309 2.50 -7.60 -22.73
C LYS A 309 2.94 -7.19 -24.13
N VAL A 310 2.56 -7.99 -25.12
CA VAL A 310 2.91 -7.70 -26.51
C VAL A 310 2.05 -6.54 -26.99
N ALA A 311 2.64 -5.35 -27.07
CA ALA A 311 1.88 -4.15 -27.40
C ALA A 311 1.53 -4.09 -28.89
N ASP A 312 2.42 -4.55 -29.77
CA ASP A 312 2.21 -4.42 -31.20
C ASP A 312 2.86 -5.58 -31.92
N GLY A 313 2.40 -5.83 -33.14
CA GLY A 313 3.00 -6.86 -33.97
C GLY A 313 2.71 -8.26 -33.44
N ASN A 314 3.38 -9.23 -34.05
CA ASN A 314 3.21 -10.63 -33.67
C ASN A 314 4.37 -11.43 -34.24
N GLY A 315 4.65 -12.56 -33.60
CA GLY A 315 5.71 -13.43 -34.07
C GLY A 315 5.89 -14.63 -33.17
N SER A 316 6.71 -15.56 -33.64
CA SER A 316 7.04 -16.77 -32.90
C SER A 316 8.39 -16.60 -32.22
N MET A 317 8.48 -17.08 -30.98
CA MET A 317 9.63 -16.86 -30.12
C MET A 317 10.05 -18.17 -29.47
N LEU A 318 11.37 -18.39 -29.38
CA LEU A 318 11.90 -19.50 -28.62
C LEU A 318 11.98 -19.12 -27.15
N VAL A 319 11.53 -20.01 -26.27
CA VAL A 319 11.59 -19.79 -24.83
C VAL A 319 12.94 -20.27 -24.32
N THR A 320 13.59 -19.44 -23.52
CA THR A 320 14.91 -19.75 -22.98
C THR A 320 14.87 -20.01 -21.48
N GLY A 321 14.36 -19.09 -20.69
CA GLY A 321 14.29 -19.22 -19.25
C GLY A 321 12.85 -19.42 -18.80
N VAL A 322 12.66 -20.40 -17.94
CA VAL A 322 11.36 -20.73 -17.38
C VAL A 322 11.51 -20.95 -15.88
N GLY A 323 10.52 -20.52 -15.11
CA GLY A 323 10.55 -20.70 -13.67
C GLY A 323 11.51 -19.75 -13.00
N VAL A 324 12.21 -20.25 -11.97
CA VAL A 324 13.13 -19.41 -11.21
C VAL A 324 14.26 -18.88 -12.08
N ASN A 325 14.58 -19.57 -13.18
CA ASN A 325 15.67 -19.12 -14.05
C ASN A 325 15.34 -17.82 -14.76
N THR A 326 14.06 -17.45 -14.84
CA THR A 326 13.67 -16.24 -15.53
C THR A 326 14.10 -15.01 -14.74
N GLU A 327 14.15 -13.86 -15.43
CA GLU A 327 14.35 -12.60 -14.74
C GLU A 327 13.20 -12.35 -13.77
N TRP A 328 11.97 -12.63 -14.19
CA TRP A 328 10.84 -12.59 -13.28
C TRP A 328 11.04 -13.58 -12.14
N GLY A 329 11.45 -14.81 -12.46
CA GLY A 329 11.67 -15.79 -11.43
C GLY A 329 12.82 -15.42 -10.51
N LEU A 330 13.90 -14.88 -11.08
CA LEU A 330 15.04 -14.48 -10.26
C LEU A 330 14.67 -13.35 -9.32
N LEU A 331 13.87 -12.38 -9.81
CA LEU A 331 13.41 -11.31 -8.94
C LEU A 331 12.52 -11.85 -7.83
N MET A 332 11.63 -12.80 -8.16
CA MET A 332 10.81 -13.39 -7.12
C MET A 332 11.63 -14.21 -6.13
N ALA A 333 12.78 -14.72 -6.56
CA ALA A 333 13.66 -15.47 -5.67
C ALA A 333 14.44 -14.56 -4.73
N SER A 334 14.77 -13.35 -5.18
CA SER A 334 15.54 -12.40 -4.38
C SER A 334 14.67 -11.59 -3.42
N ILE A 335 13.46 -12.05 -3.13
CA ILE A 335 12.53 -11.32 -2.27
C ILE A 335 11.95 -12.25 -1.22
N SER A 336 12.24 -13.55 -1.33
CA SER A 336 11.60 -14.53 -0.46
C SER A 336 11.96 -14.31 1.00
N GLU A 337 13.23 -14.04 1.27
CA GLU A 337 13.71 -13.99 2.65
C GLU A 337 13.20 -12.73 3.34
N ASP A 338 12.41 -12.92 4.40
CA ASP A 338 11.89 -11.82 5.21
C ASP A 338 12.19 -12.10 6.67
N ASN A 339 12.79 -11.13 7.35
CA ASN A 339 13.14 -11.26 8.75
C ASN A 339 13.74 -9.94 9.22
N GLY A 340 14.00 -9.85 10.52
CA GLY A 340 14.56 -8.63 11.08
C GLY A 340 13.69 -7.42 10.89
N GLU A 341 12.38 -7.56 11.11
CA GLU A 341 11.43 -6.47 10.97
C GLU A 341 10.71 -6.24 12.29
N GLU A 342 10.51 -4.96 12.61
CA GLU A 342 9.77 -4.59 13.82
C GLU A 342 9.27 -3.17 13.63
N THR A 343 7.95 -2.99 13.63
CA THR A 343 7.38 -1.68 13.35
C THR A 343 7.85 -0.68 14.41
N PRO A 344 8.07 0.59 14.04
CA PRO A 344 8.44 1.58 15.06
C PRO A 344 7.43 1.63 16.20
N LEU A 345 6.14 1.54 15.89
CA LEU A 345 5.14 1.48 16.94
C LEU A 345 5.32 0.26 17.81
N GLN A 346 5.61 -0.89 17.20
CA GLN A 346 5.78 -2.11 17.98
C GLN A 346 6.95 -2.00 18.94
N VAL A 347 8.08 -1.46 18.47
CA VAL A 347 9.25 -1.33 19.33
C VAL A 347 9.00 -0.30 20.43
N ARG A 348 8.29 0.79 20.10
CA ARG A 348 7.97 1.78 21.13
C ARG A 348 7.07 1.18 22.21
N LEU A 349 6.06 0.41 21.80
CA LEU A 349 5.18 -0.23 22.77
C LEU A 349 5.94 -1.25 23.60
N ASN A 350 6.84 -2.00 22.97
CA ASN A 350 7.68 -2.94 23.72
C ASN A 350 8.51 -2.19 24.75
N GLY A 351 9.07 -1.05 24.36
CA GLY A 351 9.87 -0.28 25.30
C GLY A 351 9.07 0.21 26.49
N VAL A 352 7.89 0.76 26.24
CA VAL A 352 7.07 1.27 27.34
C VAL A 352 6.62 0.13 28.25
N ALA A 353 6.20 -0.98 27.66
CA ALA A 353 5.76 -2.12 28.46
C ALA A 353 6.92 -2.67 29.28
N THR A 354 8.11 -2.78 28.68
CA THR A 354 9.26 -3.27 29.42
C THR A 354 9.62 -2.34 30.56
N PHE A 355 9.59 -1.03 30.32
CA PHE A 355 9.91 -0.08 31.38
C PHE A 355 8.95 -0.20 32.55
N ILE A 356 7.64 -0.18 32.26
CA ILE A 356 6.67 -0.23 33.34
C ILE A 356 6.72 -1.58 34.04
N GLY A 357 6.92 -2.66 33.29
CA GLY A 357 7.01 -3.97 33.91
C GLY A 357 8.24 -4.12 34.79
N SER A 358 9.37 -3.58 34.36
CA SER A 358 10.57 -3.61 35.19
C SER A 358 10.38 -2.79 36.45
N ILE A 359 9.74 -1.62 36.34
CA ILE A 359 9.47 -0.82 37.52
C ILE A 359 8.58 -1.59 38.48
N GLY A 360 7.53 -2.22 37.96
CA GLY A 360 6.64 -3.00 38.80
C GLY A 360 7.36 -4.16 39.46
N LEU A 361 8.18 -4.88 38.70
CA LEU A 361 8.91 -6.02 39.26
C LEU A 361 9.85 -5.57 40.36
N ALA A 362 10.59 -4.48 40.14
CA ALA A 362 11.53 -4.00 41.14
C ALA A 362 10.81 -3.58 42.41
N VAL A 363 9.72 -2.81 42.27
CA VAL A 363 9.02 -2.34 43.46
C VAL A 363 8.35 -3.50 44.19
N ALA A 364 7.79 -4.46 43.46
CA ALA A 364 7.17 -5.61 44.09
C ALA A 364 8.20 -6.47 44.80
N ALA A 365 9.39 -6.64 44.22
CA ALA A 365 10.44 -7.39 44.88
C ALA A 365 10.90 -6.68 46.15
N ALA A 366 11.04 -5.35 46.09
CA ALA A 366 11.40 -4.60 47.29
C ALA A 366 10.35 -4.76 48.37
N VAL A 367 9.07 -4.68 47.99
CA VAL A 367 8.00 -4.87 48.96
C VAL A 367 8.04 -6.26 49.55
N LEU A 368 8.26 -7.28 48.71
CA LEU A 368 8.31 -8.65 49.19
C LEU A 368 9.44 -8.82 50.20
N VAL A 369 10.63 -8.33 49.87
CA VAL A 369 11.77 -8.50 50.77
C VAL A 369 11.53 -7.77 52.08
N ILE A 370 11.13 -6.50 52.00
CA ILE A 370 10.92 -5.72 53.23
C ILE A 370 9.84 -6.35 54.09
N LEU A 371 8.74 -6.80 53.47
CA LEU A 371 7.64 -7.32 54.27
C LEU A 371 8.01 -8.68 54.85
N LEU A 372 8.76 -9.50 54.13
CA LEU A 372 9.22 -10.76 54.69
C LEU A 372 10.12 -10.52 55.89
N THR A 373 11.01 -9.53 55.79
CA THR A 373 11.82 -9.17 56.95
C THR A 373 10.93 -8.74 58.11
N ARG A 374 9.90 -7.96 57.83
CA ARG A 374 8.98 -7.54 58.89
C ARG A 374 8.31 -8.74 59.53
N TYR A 375 7.87 -9.70 58.73
CA TYR A 375 7.17 -10.87 59.27
C TYR A 375 8.10 -11.71 60.13
N PHE A 376 9.30 -11.99 59.63
CA PHE A 376 10.21 -12.85 60.38
C PHE A 376 10.70 -12.17 61.65
N THR A 377 11.01 -10.87 61.59
CA THR A 377 11.66 -10.19 62.69
C THR A 377 10.94 -8.95 63.19
N GLY A 378 9.93 -8.46 62.48
CA GLY A 378 9.21 -7.27 62.88
C GLY A 378 7.97 -7.55 63.70
N VAL A 399 4.52 -25.42 59.68
CA VAL A 399 5.09 -25.74 58.38
C VAL A 399 5.23 -24.47 57.56
N ILE A 400 4.11 -23.93 57.09
CA ILE A 400 4.11 -22.69 56.33
C ILE A 400 4.07 -21.51 57.30
N ASP A 401 4.86 -20.48 57.01
CA ASP A 401 4.92 -19.27 57.82
C ASP A 401 4.14 -18.13 57.19
N ASP A 402 2.99 -18.43 56.59
CA ASP A 402 2.15 -17.42 55.96
C ASP A 402 2.90 -16.64 54.89
N VAL A 403 3.92 -17.26 54.29
CA VAL A 403 4.61 -16.63 53.18
C VAL A 403 3.72 -16.61 51.94
N VAL A 404 2.76 -17.54 51.86
CA VAL A 404 1.92 -17.62 50.68
C VAL A 404 1.06 -16.37 50.54
N LYS A 405 0.52 -15.87 51.65
CA LYS A 405 -0.29 -14.65 51.60
C LYS A 405 0.55 -13.47 51.11
N VAL A 406 1.78 -13.36 51.61
CA VAL A 406 2.65 -12.28 51.16
C VAL A 406 2.95 -12.43 49.68
N LEU A 407 3.16 -13.66 49.21
CA LEU A 407 3.49 -13.86 47.82
C LEU A 407 2.30 -13.53 46.91
N THR A 408 1.09 -13.85 47.34
CA THR A 408 -0.06 -13.48 46.52
C THR A 408 -0.22 -11.96 46.48
N VAL A 409 0.05 -11.29 47.60
CA VAL A 409 0.05 -9.82 47.59
C VAL A 409 1.09 -9.29 46.60
N ALA A 410 2.28 -9.89 46.59
CA ALA A 410 3.34 -9.42 45.72
C ALA A 410 2.98 -9.62 44.25
N VAL A 411 2.43 -10.78 43.90
CA VAL A 411 2.05 -11.00 42.51
C VAL A 411 0.86 -10.13 42.14
N THR A 412 0.00 -9.79 43.10
CA THR A 412 -1.05 -8.82 42.81
C THR A 412 -0.46 -7.46 42.46
N ILE A 413 0.55 -7.03 43.21
CA ILE A 413 1.21 -5.77 42.88
C ILE A 413 1.82 -5.85 41.49
N VAL A 414 2.48 -6.97 41.18
CA VAL A 414 3.09 -7.13 39.87
C VAL A 414 2.03 -7.09 38.77
N VAL A 415 0.88 -7.70 39.02
CA VAL A 415 -0.18 -7.74 38.02
C VAL A 415 -0.70 -6.34 37.76
N VAL A 416 -1.04 -5.60 38.81
CA VAL A 416 -1.54 -4.24 38.59
C VAL A 416 -0.46 -3.34 38.00
N ALA A 417 0.81 -3.68 38.18
CA ALA A 417 1.87 -2.84 37.62
C ALA A 417 1.85 -2.87 36.10
N VAL A 418 1.84 -4.07 35.50
CA VAL A 418 1.95 -4.21 34.05
C VAL A 418 0.61 -3.83 33.40
N PRO A 419 0.62 -3.23 32.20
CA PRO A 419 -0.65 -2.90 31.54
C PRO A 419 -1.25 -4.12 30.86
N GLU A 420 -2.31 -4.64 31.46
CA GLU A 420 -2.94 -5.85 30.92
C GLU A 420 -3.70 -5.56 29.63
N GLY A 421 -4.47 -4.47 29.62
CA GLY A 421 -5.32 -4.15 28.50
C GLY A 421 -4.67 -3.37 27.37
N LEU A 422 -3.38 -3.09 27.45
CA LEU A 422 -2.72 -2.36 26.36
C LEU A 422 -2.76 -3.12 25.05
N PRO A 423 -2.38 -4.39 24.99
CA PRO A 423 -2.51 -5.11 23.71
C PRO A 423 -3.94 -5.11 23.18
N LEU A 424 -4.93 -5.25 24.05
CA LEU A 424 -6.32 -5.22 23.60
C LEU A 424 -6.63 -3.89 22.94
N ALA A 425 -6.25 -2.78 23.58
CA ALA A 425 -6.57 -1.47 23.04
C ALA A 425 -5.85 -1.22 21.72
N VAL A 426 -4.56 -1.56 21.64
CA VAL A 426 -3.84 -1.30 20.40
C VAL A 426 -4.42 -2.15 19.27
N THR A 427 -4.74 -3.42 19.55
CA THR A 427 -5.33 -4.26 18.52
C THR A 427 -6.68 -3.71 18.09
N LEU A 428 -7.51 -3.27 19.02
CA LEU A 428 -8.82 -2.73 18.66
C LEU A 428 -8.68 -1.47 17.83
N THR A 429 -7.77 -0.57 18.22
CA THR A 429 -7.59 0.66 17.46
C THR A 429 -7.09 0.35 16.05
N LEU A 430 -6.11 -0.53 15.93
CA LEU A 430 -5.58 -0.87 14.62
C LEU A 430 -6.65 -1.54 13.76
N ALA A 431 -7.45 -2.43 14.35
CA ALA A 431 -8.50 -3.09 13.58
C ALA A 431 -9.56 -2.09 13.12
N TYR A 432 -9.97 -1.19 14.01
CA TYR A 432 -10.97 -0.19 13.61
C TYR A 432 -10.44 0.71 12.51
N SER A 433 -9.18 1.13 12.61
CA SER A 433 -8.63 1.99 11.58
C SER A 433 -8.42 1.25 10.27
N MET A 434 -8.06 -0.03 10.32
CA MET A 434 -7.99 -0.84 9.10
C MET A 434 -9.35 -0.95 8.45
N ARG A 435 -10.40 -1.19 9.25
CA ARG A 435 -11.75 -1.27 8.70
C ARG A 435 -12.17 0.05 8.09
N LYS A 436 -11.84 1.17 8.75
CA LYS A 436 -12.19 2.47 8.20
C LYS A 436 -11.42 2.76 6.91
N MET A 437 -10.14 2.37 6.85
CA MET A 437 -9.38 2.53 5.63
C MET A 437 -10.00 1.72 4.50
N MET A 438 -10.39 0.48 4.77
CA MET A 438 -11.08 -0.30 3.76
C MET A 438 -12.44 0.27 3.41
N ALA A 439 -13.03 1.07 4.31
CA ALA A 439 -14.20 1.86 3.91
C ALA A 439 -13.82 2.83 2.80
N ASP A 440 -12.65 3.45 2.91
CA ASP A 440 -12.01 4.05 1.76
C ASP A 440 -11.46 2.93 0.87
N LYS A 441 -10.74 3.31 -0.19
CA LYS A 441 -10.30 2.36 -1.19
C LYS A 441 -8.85 1.92 -1.00
N ALA A 442 -8.40 1.82 0.25
CA ALA A 442 -7.05 1.36 0.57
C ALA A 442 -7.15 0.16 1.51
N LEU A 443 -6.39 -0.88 1.21
CA LEU A 443 -6.41 -2.13 1.96
C LEU A 443 -5.08 -2.32 2.67
N VAL A 444 -5.13 -2.59 3.97
CA VAL A 444 -3.94 -2.84 4.79
C VAL A 444 -3.88 -4.34 5.08
N ARG A 445 -2.73 -4.94 4.80
CA ARG A 445 -2.60 -6.38 4.96
C ARG A 445 -2.51 -6.79 6.43
N ARG A 446 -1.83 -6.00 7.25
CA ARG A 446 -1.59 -6.34 8.65
C ARG A 446 -1.94 -5.15 9.53
N LEU A 447 -2.31 -5.44 10.78
CA LEU A 447 -2.72 -4.38 11.69
C LEU A 447 -1.60 -3.38 11.92
N SER A 448 -0.37 -3.86 12.10
CA SER A 448 0.74 -2.97 12.40
C SER A 448 0.92 -1.93 11.30
N ALA A 449 0.83 -2.35 10.04
CA ALA A 449 1.03 -1.41 8.94
C ALA A 449 0.14 -0.19 9.06
N CYS A 450 -1.08 -0.38 9.58
CA CYS A 450 -2.02 0.73 9.70
C CYS A 450 -1.36 1.96 10.31
N GLU A 451 -0.37 1.77 11.18
CA GLU A 451 0.32 2.89 11.79
C GLU A 451 1.61 3.26 11.11
N THR A 452 2.35 2.28 10.56
CA THR A 452 3.71 2.56 10.11
C THR A 452 3.75 3.59 8.99
N MET A 453 2.67 3.72 8.21
CA MET A 453 2.67 4.69 7.12
C MET A 453 2.59 6.11 7.64
N GLY A 454 2.04 6.31 8.84
CA GLY A 454 2.00 7.64 9.41
C GLY A 454 3.38 8.18 9.70
N SER A 455 4.29 7.31 10.16
CA SER A 455 5.65 7.71 10.51
C SER A 455 6.57 7.78 9.31
N ALA A 456 6.10 7.44 8.12
CA ALA A 456 6.96 7.43 6.94
C ALA A 456 7.56 8.81 6.72
N THR A 457 8.88 8.84 6.47
CA THR A 457 9.60 10.08 6.27
C THR A 457 9.88 10.39 4.81
N THR A 458 9.82 9.39 3.94
CA THR A 458 10.03 9.60 2.51
C THR A 458 9.24 8.55 1.76
N ILE A 459 8.82 8.91 0.54
CA ILE A 459 8.03 8.03 -0.32
C ILE A 459 8.72 7.96 -1.68
N CYS A 460 9.16 6.76 -2.04
CA CYS A 460 9.74 6.51 -3.36
C CYS A 460 8.66 5.90 -4.25
N SER A 461 8.33 6.58 -5.33
CA SER A 461 7.19 6.22 -6.17
C SER A 461 7.69 5.83 -7.56
N ASP A 462 7.22 4.69 -8.05
CA ASP A 462 7.44 4.33 -9.44
C ASP A 462 6.80 5.37 -10.34
N LYS A 463 7.22 5.38 -11.60
CA LYS A 463 6.70 6.33 -12.58
C LYS A 463 5.66 5.70 -13.50
N THR A 464 5.97 4.56 -14.10
CA THR A 464 5.06 3.92 -15.05
C THR A 464 4.07 3.05 -14.29
N GLY A 465 2.80 3.43 -14.34
CA GLY A 465 1.77 2.73 -13.59
C GLY A 465 1.39 3.48 -12.33
N THR A 466 2.40 4.03 -11.66
CA THR A 466 2.20 4.87 -10.47
C THR A 466 2.65 6.28 -10.81
N LEU A 467 1.79 7.26 -10.56
CA LEU A 467 1.95 8.65 -10.93
C LEU A 467 1.67 8.88 -12.41
N THR A 468 1.44 7.83 -13.20
CA THR A 468 1.09 7.96 -14.60
C THR A 468 0.12 6.86 -14.97
N LEU A 469 -0.88 7.19 -15.79
CA LEU A 469 -1.90 6.22 -16.15
C LEU A 469 -1.31 4.99 -16.83
N ASN A 470 -0.10 5.11 -17.40
CA ASN A 470 0.58 4.05 -18.14
C ASN A 470 -0.05 3.82 -19.51
N GLN A 471 -1.06 4.59 -19.89
CA GLN A 471 -1.70 4.47 -21.19
C GLN A 471 -1.44 5.74 -21.99
N MET A 472 -0.91 5.58 -23.20
CA MET A 472 -0.64 6.74 -24.04
C MET A 472 -1.94 7.44 -24.38
N THR A 473 -1.96 8.76 -24.19
CA THR A 473 -3.11 9.58 -24.52
C THR A 473 -2.63 10.94 -24.98
N VAL A 474 -3.50 11.66 -25.67
CA VAL A 474 -3.14 12.97 -26.19
C VAL A 474 -2.97 13.95 -25.04
N VAL A 475 -1.84 14.64 -25.00
CA VAL A 475 -1.57 15.66 -24.00
C VAL A 475 -1.82 17.05 -24.57
N GLU A 476 -1.30 17.33 -25.76
CA GLU A 476 -1.60 18.55 -26.50
C GLU A 476 -1.90 18.17 -27.94
N SER A 477 -2.24 19.17 -28.74
CA SER A 477 -2.61 18.94 -30.13
C SER A 477 -2.52 20.27 -30.88
N TYR A 478 -2.79 20.21 -32.17
CA TYR A 478 -2.91 21.38 -33.03
C TYR A 478 -4.15 21.22 -33.89
N ALA A 479 -4.81 22.33 -34.20
CA ALA A 479 -6.01 22.26 -35.02
C ALA A 479 -6.43 23.65 -35.48
N GLY A 480 -6.64 23.82 -36.78
CA GLY A 480 -7.04 25.12 -37.29
C GLY A 480 -5.99 26.19 -37.12
N GLY A 481 -4.71 25.83 -37.22
CA GLY A 481 -3.64 26.80 -37.09
C GLY A 481 -3.35 27.21 -35.66
N LYS A 482 -3.99 26.60 -34.68
CA LYS A 482 -3.78 26.93 -33.27
C LYS A 482 -3.64 25.65 -32.47
N LYS A 483 -3.03 25.77 -31.29
CA LYS A 483 -2.82 24.59 -30.45
C LYS A 483 -4.14 23.92 -30.12
N THR A 484 -5.09 24.69 -29.58
CA THR A 484 -6.40 24.17 -29.19
C THR A 484 -6.27 22.77 -28.57
N ASP A 485 -5.40 22.68 -27.56
CA ASP A 485 -5.18 21.40 -26.90
C ASP A 485 -6.43 20.98 -26.16
N THR A 486 -6.85 19.72 -26.37
CA THR A 486 -8.06 19.17 -25.74
C THR A 486 -9.20 20.15 -26.00
N GLU A 487 -9.90 20.63 -24.98
CA GLU A 487 -11.00 21.60 -25.16
C GLU A 487 -12.01 20.97 -26.12
N GLN A 488 -12.57 21.74 -27.06
CA GLN A 488 -13.51 21.23 -28.04
C GLN A 488 -13.23 21.90 -29.37
N LEU A 489 -13.02 21.10 -30.40
CA LEU A 489 -12.67 21.61 -31.72
C LEU A 489 -13.90 22.17 -32.43
N PRO A 490 -13.69 23.06 -33.40
CA PRO A 490 -14.83 23.54 -34.20
C PRO A 490 -15.50 22.39 -34.93
N ALA A 491 -16.81 22.55 -35.17
CA ALA A 491 -17.57 21.48 -35.82
C ALA A 491 -17.02 21.16 -37.20
N THR A 492 -16.69 22.19 -37.99
CA THR A 492 -16.27 21.97 -39.37
C THR A 492 -15.00 21.12 -39.42
N ILE A 493 -14.02 21.42 -38.56
CA ILE A 493 -12.81 20.60 -38.53
C ILE A 493 -13.04 19.33 -37.72
N THR A 494 -13.92 19.38 -36.72
CA THR A 494 -14.16 18.21 -35.88
C THR A 494 -14.73 17.06 -36.68
N SER A 495 -15.66 17.35 -37.60
CA SER A 495 -16.25 16.29 -38.39
C SER A 495 -15.19 15.53 -39.18
N LEU A 496 -14.34 16.26 -39.90
CA LEU A 496 -13.29 15.61 -40.69
C LEU A 496 -12.31 14.88 -39.80
N VAL A 497 -11.92 15.48 -38.67
CA VAL A 497 -10.93 14.84 -37.81
C VAL A 497 -11.49 13.54 -37.25
N VAL A 498 -12.76 13.53 -36.83
CA VAL A 498 -13.34 12.32 -36.26
C VAL A 498 -13.52 11.26 -37.34
N GLU A 499 -13.93 11.65 -38.55
CA GLU A 499 -14.06 10.64 -39.59
C GLU A 499 -12.71 10.03 -39.91
N GLY A 500 -11.66 10.86 -39.95
CA GLY A 500 -10.33 10.35 -40.20
C GLY A 500 -9.84 9.43 -39.09
N ILE A 501 -10.12 9.79 -37.84
CA ILE A 501 -9.69 8.95 -36.72
C ILE A 501 -10.44 7.63 -36.74
N SER A 502 -11.71 7.64 -37.12
CA SER A 502 -12.50 6.41 -37.12
C SER A 502 -12.14 5.51 -38.29
N GLN A 503 -11.91 6.08 -39.46
CA GLN A 503 -11.71 5.31 -40.68
C GLN A 503 -10.25 5.04 -41.00
N ASN A 504 -9.32 5.49 -40.17
CA ASN A 504 -7.89 5.31 -40.43
C ASN A 504 -7.18 4.58 -39.29
N THR A 505 -7.90 3.86 -38.44
CA THR A 505 -7.32 3.19 -37.28
C THR A 505 -7.66 1.71 -37.33
N THR A 506 -6.65 0.86 -37.16
CA THR A 506 -6.89 -0.57 -37.06
C THR A 506 -7.59 -0.91 -35.75
N GLY A 507 -7.19 -0.28 -34.65
CA GLY A 507 -7.85 -0.50 -33.38
C GLY A 507 -9.23 0.14 -33.35
N SER A 508 -10.06 -0.34 -32.43
CA SER A 508 -11.43 0.12 -32.30
C SER A 508 -11.85 0.05 -30.85
N ILE A 509 -12.89 0.82 -30.52
CA ILE A 509 -13.42 0.80 -29.16
C ILE A 509 -14.17 -0.49 -28.92
N PHE A 510 -14.05 -1.02 -27.70
CA PHE A 510 -14.50 -2.38 -27.42
C PHE A 510 -16.03 -2.49 -27.51
N VAL A 511 -16.75 -1.61 -26.82
CA VAL A 511 -18.19 -1.75 -26.68
C VAL A 511 -18.89 -0.44 -27.02
N PRO A 512 -18.86 -0.01 -28.29
CA PRO A 512 -19.69 1.14 -28.67
C PRO A 512 -21.15 0.75 -28.85
N GLU A 513 -21.38 -0.45 -29.37
CA GLU A 513 -22.75 -0.92 -29.59
C GLU A 513 -23.43 -1.30 -28.28
N GLY A 514 -22.70 -1.99 -27.40
CA GLY A 514 -23.31 -2.45 -26.16
C GLY A 514 -23.78 -1.32 -25.28
N GLY A 515 -23.01 -0.24 -25.20
CA GLY A 515 -23.34 0.90 -24.38
C GLY A 515 -22.60 0.98 -23.06
N GLY A 516 -21.69 0.05 -22.79
CA GLY A 516 -20.91 0.07 -21.57
C GLY A 516 -19.73 1.02 -21.67
N ASP A 517 -18.94 1.03 -20.60
CA ASP A 517 -17.76 1.89 -20.57
C ASP A 517 -16.82 1.53 -21.73
N LEU A 518 -16.35 2.55 -22.42
CA LEU A 518 -15.55 2.33 -23.63
C LEU A 518 -14.17 1.80 -23.27
N GLU A 519 -13.73 0.76 -23.99
CA GLU A 519 -12.40 0.21 -23.85
C GLU A 519 -11.75 0.17 -25.22
N TYR A 520 -10.60 0.82 -25.35
CA TYR A 520 -9.92 0.93 -26.63
C TYR A 520 -9.01 -0.26 -26.86
N SER A 521 -8.70 -0.51 -28.13
CA SER A 521 -7.81 -1.60 -28.53
C SER A 521 -6.74 -1.05 -29.47
N GLY A 522 -5.93 -1.94 -30.03
CA GLY A 522 -4.87 -1.53 -30.93
C GLY A 522 -3.64 -1.05 -30.20
N SER A 523 -2.66 -0.63 -30.99
CA SER A 523 -1.39 -0.18 -30.43
C SER A 523 -1.58 1.13 -29.67
N PRO A 524 -0.64 1.48 -28.79
CA PRO A 524 -0.80 2.71 -28.01
C PRO A 524 -1.03 3.94 -28.86
N THR A 525 -0.40 4.03 -30.03
CA THR A 525 -0.72 5.13 -30.95
C THR A 525 -2.20 5.11 -31.32
N GLU A 526 -2.69 3.95 -31.74
CA GLU A 526 -4.11 3.83 -32.10
C GLU A 526 -5.00 4.09 -30.91
N LYS A 527 -4.63 3.57 -29.74
CA LYS A 527 -5.44 3.77 -28.55
C LYS A 527 -5.55 5.25 -28.20
N ALA A 528 -4.43 5.98 -28.26
CA ALA A 528 -4.46 7.40 -27.92
C ALA A 528 -5.24 8.20 -28.96
N ILE A 529 -5.07 7.89 -30.25
CA ILE A 529 -5.81 8.60 -31.27
C ILE A 529 -7.31 8.34 -31.12
N LEU A 530 -7.68 7.10 -30.82
CA LEU A 530 -9.09 6.77 -30.62
C LEU A 530 -9.65 7.47 -29.39
N GLY A 531 -8.86 7.53 -28.31
CA GLY A 531 -9.30 8.29 -27.15
C GLY A 531 -9.52 9.74 -27.47
N TRP A 532 -8.64 10.33 -28.27
CA TRP A 532 -8.83 11.71 -28.70
C TRP A 532 -10.11 11.85 -29.52
N GLY A 533 -10.35 10.93 -30.44
CA GLY A 533 -11.56 10.99 -31.22
C GLY A 533 -12.81 10.89 -30.36
N VAL A 534 -12.79 10.00 -29.38
CA VAL A 534 -13.92 9.86 -28.46
C VAL A 534 -14.12 11.15 -27.68
N LYS A 535 -13.02 11.74 -27.19
CA LYS A 535 -13.12 13.01 -26.47
C LYS A 535 -13.75 14.08 -27.35
N LEU A 536 -13.39 14.13 -28.63
CA LEU A 536 -13.96 15.11 -29.54
C LEU A 536 -15.44 14.87 -29.79
N GLY A 537 -16.00 13.77 -29.32
CA GLY A 537 -17.40 13.45 -29.56
C GLY A 537 -17.64 12.42 -30.63
N MET A 538 -16.63 11.63 -30.99
CA MET A 538 -16.79 10.61 -32.01
C MET A 538 -17.50 9.39 -31.42
N ASN A 539 -18.46 8.86 -32.17
CA ASN A 539 -19.10 7.59 -31.85
C ASN A 539 -18.68 6.58 -32.92
N PHE A 540 -17.96 5.54 -32.51
CA PHE A 540 -17.34 4.64 -33.48
C PHE A 540 -18.39 3.95 -34.35
N GLU A 541 -19.50 3.51 -33.74
CA GLU A 541 -20.53 2.83 -34.51
C GLU A 541 -21.02 3.70 -35.65
N THR A 542 -21.41 4.94 -35.36
CA THR A 542 -21.88 5.84 -36.40
C THR A 542 -20.75 6.41 -37.23
N ALA A 543 -19.58 6.65 -36.63
CA ALA A 543 -18.46 7.21 -37.37
C ALA A 543 -18.03 6.27 -38.49
N ARG A 544 -17.95 4.97 -38.20
CA ARG A 544 -17.63 4.00 -39.24
C ARG A 544 -18.71 3.99 -40.31
N SER A 545 -19.97 4.06 -39.91
CA SER A 545 -21.06 4.19 -40.87
C SER A 545 -21.01 5.57 -41.51
N GLN A 546 -21.80 5.74 -42.58
CA GLN A 546 -21.77 6.94 -43.42
C GLN A 546 -20.43 7.09 -44.12
N SER A 547 -19.66 6.01 -44.22
CA SER A 547 -18.33 6.05 -44.80
C SER A 547 -17.88 4.63 -45.09
N SER A 548 -17.47 4.37 -46.33
CA SER A 548 -16.98 3.06 -46.75
C SER A 548 -15.52 3.18 -47.16
N ILE A 549 -14.68 2.31 -46.60
CA ILE A 549 -13.24 2.36 -46.84
C ILE A 549 -12.96 1.72 -48.20
N LEU A 550 -12.84 2.55 -49.23
CA LEU A 550 -12.52 2.03 -50.56
C LEU A 550 -11.16 1.36 -50.59
N HIS A 551 -10.17 1.99 -49.95
CA HIS A 551 -8.81 1.46 -49.92
C HIS A 551 -8.18 1.80 -48.57
N ALA A 552 -7.25 0.97 -48.14
CA ALA A 552 -6.60 1.19 -46.85
C ALA A 552 -5.18 0.66 -46.92
N PHE A 553 -4.21 1.57 -46.84
CA PHE A 553 -2.81 1.20 -46.77
C PHE A 553 -2.36 1.37 -45.32
N PRO A 554 -2.15 0.30 -44.56
CA PRO A 554 -2.01 0.40 -43.11
C PRO A 554 -0.65 0.97 -42.71
N PHE A 555 -0.50 1.16 -41.41
CA PHE A 555 0.78 1.62 -40.86
C PHE A 555 1.90 0.67 -41.27
N ASN A 556 3.00 1.22 -41.74
CA ASN A 556 4.13 0.43 -42.22
C ASN A 556 5.42 0.99 -41.66
N SER A 557 6.32 0.09 -41.25
CA SER A 557 7.63 0.53 -40.80
C SER A 557 8.41 1.18 -41.94
N GLU A 558 8.35 0.60 -43.14
CA GLU A 558 9.04 1.17 -44.28
C GLU A 558 8.47 2.54 -44.63
N LYS A 559 7.16 2.65 -44.78
CA LYS A 559 6.47 3.90 -45.04
C LYS A 559 5.73 4.30 -43.77
N LYS A 560 6.21 5.36 -43.12
CA LYS A 560 5.68 5.73 -41.81
C LYS A 560 4.20 6.06 -41.87
N ARG A 561 3.78 6.79 -42.89
CA ARG A 561 2.39 7.24 -42.97
C ARG A 561 1.44 6.07 -43.21
N GLY A 562 0.20 6.25 -42.75
CA GLY A 562 -0.85 5.29 -43.00
C GLY A 562 -2.05 5.95 -43.67
N GLY A 563 -2.49 5.41 -44.79
CA GLY A 563 -3.49 6.08 -45.60
C GLY A 563 -4.79 5.31 -45.75
N VAL A 564 -5.86 6.03 -46.06
CA VAL A 564 -7.18 5.43 -46.24
C VAL A 564 -7.96 6.29 -47.23
N ALA A 565 -8.88 5.66 -47.96
CA ALA A 565 -9.80 6.35 -48.84
C ALA A 565 -11.21 6.08 -48.33
N VAL A 566 -11.94 7.15 -48.01
CA VAL A 566 -13.26 7.07 -47.40
C VAL A 566 -14.27 7.66 -48.38
N LYS A 567 -15.28 6.87 -48.74
CA LYS A 567 -16.38 7.35 -49.55
C LYS A 567 -17.49 7.81 -48.61
N THR A 568 -17.52 9.11 -48.34
CA THR A 568 -18.56 9.65 -47.49
C THR A 568 -19.94 9.43 -48.12
N ALA A 569 -20.97 9.70 -47.34
CA ALA A 569 -22.33 9.60 -47.88
C ALA A 569 -22.49 10.48 -49.11
N ASP A 570 -21.77 11.60 -49.16
CA ASP A 570 -21.76 12.46 -50.32
C ASP A 570 -20.90 11.85 -51.43
N GLY A 571 -21.03 12.42 -52.63
CA GLY A 571 -20.35 11.85 -53.79
C GLY A 571 -18.84 11.85 -53.65
N GLU A 572 -18.27 12.99 -53.24
CA GLU A 572 -16.82 13.12 -53.19
C GLU A 572 -16.23 12.15 -52.17
N VAL A 573 -14.99 11.73 -52.43
CA VAL A 573 -14.28 10.76 -51.62
C VAL A 573 -13.05 11.42 -51.03
N HIS A 574 -12.78 11.15 -49.76
CA HIS A 574 -11.67 11.74 -49.02
C HIS A 574 -10.50 10.77 -48.97
N VAL A 575 -9.30 11.32 -48.84
CA VAL A 575 -8.07 10.55 -48.68
C VAL A 575 -7.42 11.03 -47.39
N HIS A 576 -7.44 10.17 -46.37
CA HIS A 576 -6.90 10.50 -45.06
C HIS A 576 -5.51 9.90 -44.90
N TRP A 577 -4.62 10.65 -44.25
CA TRP A 577 -3.24 10.24 -44.02
C TRP A 577 -2.89 10.54 -42.58
N LYS A 578 -2.65 9.52 -41.78
CA LYS A 578 -2.23 9.67 -40.39
C LYS A 578 -0.84 9.08 -40.25
N GLY A 579 0.12 9.89 -39.81
CA GLY A 579 1.48 9.42 -39.78
C GLY A 579 2.37 10.26 -38.90
N ALA A 580 3.68 10.05 -39.06
CA ALA A 580 4.65 10.85 -38.33
C ALA A 580 4.57 12.29 -38.79
N SER A 581 4.75 13.22 -37.84
CA SER A 581 4.46 14.62 -38.12
C SER A 581 5.33 15.17 -39.23
N GLU A 582 6.63 14.86 -39.21
CA GLU A 582 7.54 15.46 -40.19
C GLU A 582 7.16 15.08 -41.61
N ILE A 583 7.01 13.78 -41.87
CA ILE A 583 6.74 13.32 -43.23
C ILE A 583 5.36 13.77 -43.69
N VAL A 584 4.37 13.68 -42.80
CA VAL A 584 3.01 14.10 -43.15
C VAL A 584 3.01 15.58 -43.51
N LEU A 585 3.68 16.40 -42.70
CA LEU A 585 3.74 17.83 -42.99
C LEU A 585 4.46 18.09 -44.31
N ALA A 586 5.54 17.36 -44.57
CA ALA A 586 6.27 17.54 -45.82
C ALA A 586 5.39 17.20 -47.02
N SER A 587 4.54 16.19 -46.88
CA SER A 587 3.71 15.73 -47.98
C SER A 587 2.43 16.56 -48.14
N CYS A 588 2.21 17.56 -47.30
CA CYS A 588 1.03 18.41 -47.36
C CYS A 588 1.44 19.84 -47.65
N ARG A 589 0.66 20.54 -48.48
CA ARG A 589 0.93 21.91 -48.87
C ARG A 589 -0.18 22.87 -48.49
N SER A 590 -1.19 22.41 -47.75
CA SER A 590 -2.31 23.25 -47.34
C SER A 590 -2.78 22.78 -45.97
N TYR A 591 -3.75 23.50 -45.40
CA TYR A 591 -4.25 23.11 -44.09
C TYR A 591 -5.65 23.67 -43.90
N ILE A 592 -6.37 23.07 -42.95
CA ILE A 592 -7.72 23.48 -42.62
C ILE A 592 -7.61 24.40 -41.41
N ASP A 593 -7.76 25.70 -41.63
CA ASP A 593 -7.73 26.65 -40.53
C ASP A 593 -9.00 26.51 -39.69
N GLU A 594 -8.97 27.13 -38.51
CA GLU A 594 -10.07 26.98 -37.57
C GLU A 594 -11.40 27.42 -38.20
N ASP A 595 -12.43 26.59 -38.01
CA ASP A 595 -13.79 26.89 -38.45
C ASP A 595 -13.80 27.58 -39.81
N GLY A 596 -13.13 26.95 -40.77
CA GLY A 596 -13.03 27.53 -42.10
C GLY A 596 -12.63 26.49 -43.13
N ASN A 597 -12.70 26.92 -44.39
CA ASN A 597 -12.34 26.06 -45.50
C ASN A 597 -10.84 25.95 -45.64
N VAL A 598 -10.40 25.08 -46.55
CA VAL A 598 -8.99 24.86 -46.82
C VAL A 598 -8.30 26.19 -47.08
N ALA A 599 -7.04 26.31 -46.68
CA ALA A 599 -6.24 27.48 -46.89
C ALA A 599 -4.82 27.04 -47.26
N PRO A 600 -4.22 27.65 -48.28
CA PRO A 600 -2.83 27.29 -48.61
C PRO A 600 -1.90 27.56 -47.45
N MET A 601 -0.92 26.68 -47.28
CA MET A 601 0.06 26.80 -46.21
C MET A 601 1.27 27.56 -46.74
N THR A 602 1.47 28.77 -46.21
CA THR A 602 2.62 29.57 -46.61
C THR A 602 3.89 29.07 -45.93
N ASP A 603 5.03 29.60 -46.39
CA ASP A 603 6.30 29.16 -45.83
C ASP A 603 6.37 29.45 -44.33
N ASP A 604 5.88 30.63 -43.92
CA ASP A 604 5.89 30.96 -42.50
C ASP A 604 4.96 30.04 -41.70
N LYS A 605 3.80 29.70 -42.27
CA LYS A 605 2.91 28.78 -41.58
C LYS A 605 3.53 27.39 -41.46
N ALA A 606 4.20 26.93 -42.51
CA ALA A 606 4.89 25.64 -42.45
C ALA A 606 6.01 25.68 -41.40
N SER A 607 6.72 26.80 -41.32
CA SER A 607 7.75 26.94 -40.29
C SER A 607 7.14 26.90 -38.91
N PHE A 608 5.98 27.54 -38.73
CA PHE A 608 5.29 27.49 -37.45
C PHE A 608 4.91 26.07 -37.08
N PHE A 609 4.35 25.33 -38.04
CA PHE A 609 3.97 23.94 -37.77
C PHE A 609 5.19 23.09 -37.43
N LYS A 610 6.28 23.27 -38.17
CA LYS A 610 7.48 22.48 -37.91
C LYS A 610 8.08 22.83 -36.54
N ASN A 611 8.08 24.11 -36.18
CA ASN A 611 8.57 24.50 -34.85
C ASN A 611 7.69 23.90 -33.76
N GLY A 612 6.37 23.91 -33.96
CA GLY A 612 5.49 23.28 -32.99
C GLY A 612 5.78 21.79 -32.85
N ILE A 613 5.99 21.11 -33.98
CA ILE A 613 6.29 19.68 -33.94
C ILE A 613 7.61 19.44 -33.20
N ASN A 614 8.62 20.26 -33.48
CA ASN A 614 9.92 20.09 -32.82
C ASN A 614 9.82 20.35 -31.33
N ASP A 615 9.10 21.40 -30.92
CA ASP A 615 8.91 21.65 -29.50
C ASP A 615 8.14 20.52 -28.84
N MET A 616 7.12 19.99 -29.53
CA MET A 616 6.36 18.88 -28.99
C MET A 616 7.23 17.64 -28.82
N ALA A 617 8.13 17.39 -29.78
CA ALA A 617 9.05 16.27 -29.67
C ALA A 617 10.10 16.51 -28.59
N GLY A 618 10.41 17.78 -28.30
CA GLY A 618 11.34 18.06 -27.23
C GLY A 618 10.88 17.48 -25.91
N ARG A 619 9.59 17.59 -25.63
CA ARG A 619 9.01 16.88 -24.50
C ARG A 619 8.93 15.39 -24.80
N THR A 620 8.50 14.61 -23.80
CA THR A 620 8.46 13.17 -23.97
C THR A 620 7.45 12.74 -25.03
N LEU A 621 6.39 13.53 -25.23
CA LEU A 621 5.29 13.10 -26.09
C LEU A 621 5.77 12.91 -27.53
N ARG A 622 5.19 11.92 -28.19
CA ARG A 622 5.48 11.65 -29.59
C ARG A 622 4.73 12.66 -30.45
N CYS A 623 4.67 12.41 -31.76
CA CYS A 623 4.08 13.37 -32.70
C CYS A 623 3.40 12.60 -33.82
N VAL A 624 2.07 12.69 -33.87
CA VAL A 624 1.27 12.09 -34.93
C VAL A 624 0.44 13.19 -35.58
N ALA A 625 0.42 13.21 -36.91
CA ALA A 625 -0.25 14.25 -37.66
C ALA A 625 -1.25 13.62 -38.62
N LEU A 626 -2.38 14.30 -38.79
CA LEU A 626 -3.47 13.87 -39.66
C LEU A 626 -3.66 14.87 -40.79
N ALA A 627 -3.89 14.38 -41.99
CA ALA A 627 -4.10 15.21 -43.17
C ALA A 627 -5.18 14.59 -44.03
N PHE A 628 -5.78 15.41 -44.87
CA PHE A 628 -6.90 15.00 -45.72
C PHE A 628 -6.78 15.69 -47.07
N ARG A 629 -7.05 14.93 -48.12
CA ARG A 629 -7.06 15.43 -49.49
C ARG A 629 -8.39 15.06 -50.13
N THR A 630 -9.05 16.03 -50.75
CA THR A 630 -10.39 15.85 -51.26
C THR A 630 -10.43 15.29 -52.68
N TYR A 631 -9.36 14.63 -53.12
CA TYR A 631 -9.32 14.11 -54.47
C TYR A 631 -10.44 13.10 -54.68
N GLU A 632 -11.15 13.24 -55.79
CA GLU A 632 -12.33 12.44 -56.06
C GLU A 632 -12.45 12.25 -57.57
N ALA A 633 -13.63 11.84 -58.03
CA ALA A 633 -13.99 11.57 -59.41
C ALA A 633 -13.48 10.20 -59.86
N GLU A 634 -12.76 9.46 -59.02
CA GLU A 634 -12.30 8.12 -59.33
C GLU A 634 -12.56 7.22 -58.12
N LYS A 635 -12.81 5.95 -58.39
CA LYS A 635 -13.17 4.98 -57.36
C LYS A 635 -12.18 3.83 -57.36
N VAL A 636 -11.79 3.38 -56.17
CA VAL A 636 -10.89 2.22 -56.08
C VAL A 636 -11.54 0.97 -56.65
N PRO A 637 -12.81 0.66 -56.35
CA PRO A 637 -13.42 -0.54 -56.97
C PRO A 637 -13.38 -0.51 -58.48
N THR A 638 -13.56 0.65 -59.10
CA THR A 638 -13.45 0.74 -60.55
C THR A 638 -12.08 0.29 -61.03
N GLY A 639 -11.04 0.55 -60.25
CA GLY A 639 -9.73 0.04 -60.59
C GLY A 639 -9.69 -1.47 -60.56
N GLU A 640 -8.88 -2.03 -61.46
CA GLU A 640 -8.82 -3.50 -61.57
C GLU A 640 -8.34 -4.13 -60.28
N GLU A 641 -7.31 -3.55 -59.65
CA GLU A 641 -6.74 -4.07 -58.42
C GLU A 641 -6.70 -2.97 -57.38
N LEU A 642 -7.19 -3.27 -56.17
CA LEU A 642 -7.16 -2.29 -55.10
C LEU A 642 -5.73 -1.89 -54.75
N SER A 643 -4.82 -2.87 -54.68
CA SER A 643 -3.44 -2.58 -54.32
C SER A 643 -2.79 -1.62 -55.32
N LYS A 644 -3.24 -1.64 -56.58
CA LYS A 644 -2.69 -0.74 -57.59
C LYS A 644 -3.09 0.71 -57.36
N TRP A 645 -4.06 0.97 -56.48
CA TRP A 645 -4.46 2.35 -56.20
C TRP A 645 -3.30 3.11 -55.56
N VAL A 646 -2.78 4.10 -56.29
CA VAL A 646 -1.62 4.84 -55.79
C VAL A 646 -1.96 5.58 -54.50
N LEU A 647 -3.20 6.05 -54.36
CA LEU A 647 -3.56 6.85 -53.20
C LEU A 647 -2.66 8.06 -53.14
N PRO A 648 -2.84 9.03 -54.05
CA PRO A 648 -1.85 10.10 -54.20
C PRO A 648 -1.63 10.85 -52.89
N GLU A 649 -0.37 11.20 -52.64
CA GLU A 649 0.05 11.85 -51.40
C GLU A 649 0.33 13.33 -51.58
N ASP A 650 0.03 13.89 -52.75
CA ASP A 650 0.36 15.28 -53.04
C ASP A 650 -0.74 16.21 -52.54
N ASP A 651 -0.35 17.46 -52.31
CA ASP A 651 -1.26 18.54 -51.92
C ASP A 651 -2.28 18.06 -50.89
N LEU A 652 -1.75 17.62 -49.74
CA LEU A 652 -2.61 17.27 -48.62
C LEU A 652 -2.93 18.53 -47.81
N ILE A 653 -4.00 18.43 -47.01
CA ILE A 653 -4.48 19.53 -46.18
C ILE A 653 -4.41 19.05 -44.74
N LEU A 654 -3.53 19.67 -43.94
CA LEU A 654 -3.35 19.23 -42.56
C LEU A 654 -4.59 19.55 -41.74
N LEU A 655 -5.04 18.60 -40.93
CA LEU A 655 -6.21 18.77 -40.09
C LEU A 655 -5.83 19.08 -38.65
N ALA A 656 -5.06 18.21 -38.01
CA ALA A 656 -4.73 18.40 -36.60
C ALA A 656 -3.51 17.55 -36.25
N ILE A 657 -2.40 18.20 -35.89
CA ILE A 657 -1.26 17.51 -35.35
C ILE A 657 -1.54 17.19 -33.88
N VAL A 658 -1.27 15.96 -33.48
CA VAL A 658 -1.64 15.48 -32.16
C VAL A 658 -0.41 14.88 -31.49
N GLY A 659 -0.21 15.22 -30.21
CA GLY A 659 0.91 14.72 -29.43
C GLY A 659 0.43 13.80 -28.32
N ILE A 660 0.97 12.59 -28.30
CA ILE A 660 0.52 11.52 -27.42
C ILE A 660 1.66 11.10 -26.51
N LYS A 661 1.37 11.01 -25.21
CA LYS A 661 2.35 10.62 -24.22
C LYS A 661 1.64 9.92 -23.07
N ASP A 662 2.42 9.30 -22.19
CA ASP A 662 1.89 8.67 -20.99
C ASP A 662 1.78 9.72 -19.88
N PRO A 663 0.60 10.25 -19.60
CA PRO A 663 0.50 11.44 -18.76
C PRO A 663 0.43 11.10 -17.27
N CYS A 664 0.66 12.13 -16.46
CA CYS A 664 0.50 12.00 -15.01
C CYS A 664 -0.94 11.67 -14.67
N ARG A 665 -1.12 10.86 -13.63
CA ARG A 665 -2.47 10.50 -13.22
C ARG A 665 -3.25 11.76 -12.86
N PRO A 666 -4.56 11.79 -13.12
CA PRO A 666 -5.35 12.97 -12.76
C PRO A 666 -5.34 13.21 -11.26
N GLY A 667 -5.25 14.47 -10.88
CA GLY A 667 -5.27 14.82 -9.48
C GLY A 667 -4.17 14.15 -8.67
N VAL A 668 -2.96 14.08 -9.23
CA VAL A 668 -1.83 13.49 -8.54
C VAL A 668 -0.89 14.58 -8.07
N LYS A 669 -0.82 15.68 -8.83
CA LYS A 669 0.01 16.80 -8.43
C LYS A 669 -0.45 17.36 -7.08
N ASP A 670 -1.77 17.52 -6.90
CA ASP A 670 -2.28 18.03 -5.63
C ASP A 670 -1.99 17.06 -4.49
N SER A 671 -2.13 15.76 -4.74
CA SER A 671 -1.84 14.78 -3.69
C SER A 671 -0.36 14.83 -3.30
N VAL A 672 0.53 14.94 -4.28
CA VAL A 672 1.95 15.07 -3.98
C VAL A 672 2.21 16.35 -3.20
N VAL A 673 1.50 17.43 -3.54
CA VAL A 673 1.66 18.69 -2.81
C VAL A 673 1.27 18.50 -1.35
N LEU A 674 0.14 17.83 -1.11
CA LEU A 674 -0.29 17.58 0.26
C LEU A 674 0.73 16.71 1.00
N CYS A 675 1.24 15.66 0.34
CA CYS A 675 2.21 14.79 0.99
C CYS A 675 3.47 15.56 1.36
N GLN A 676 3.95 16.42 0.46
CA GLN A 676 5.12 17.24 0.76
C GLN A 676 4.82 18.19 1.92
N ASN A 677 3.61 18.77 1.94
CA ASN A 677 3.26 19.67 3.03
C ASN A 677 3.29 18.95 4.37
N ALA A 678 3.03 17.65 4.39
CA ALA A 678 3.03 16.86 5.62
C ALA A 678 4.41 16.44 6.05
N GLY A 679 5.46 17.04 5.52
CA GLY A 679 6.82 16.70 5.89
C GLY A 679 7.35 15.43 5.26
N VAL A 680 6.59 14.79 4.38
CA VAL A 680 6.98 13.54 3.75
C VAL A 680 7.50 13.85 2.36
N LYS A 681 8.82 13.80 2.18
CA LYS A 681 9.41 14.01 0.87
C LYS A 681 8.98 12.91 -0.08
N VAL A 682 8.86 13.26 -1.36
CA VAL A 682 8.50 12.31 -2.41
C VAL A 682 9.59 12.32 -3.46
N ARG A 683 10.07 11.13 -3.83
CA ARG A 683 11.06 10.96 -4.87
C ARG A 683 10.58 9.89 -5.83
N MET A 684 11.18 9.86 -7.02
CA MET A 684 10.79 8.91 -8.05
C MET A 684 11.95 7.99 -8.37
N VAL A 685 11.69 6.69 -8.29
CA VAL A 685 12.63 5.66 -8.72
C VAL A 685 11.99 4.92 -9.87
N THR A 686 12.60 4.99 -11.05
CA THR A 686 12.00 4.45 -12.25
C THR A 686 13.08 3.94 -13.19
N GLY A 687 12.76 2.86 -13.90
CA GLY A 687 13.65 2.33 -14.92
C GLY A 687 13.55 3.03 -16.26
N ASP A 688 12.62 3.96 -16.40
CA ASP A 688 12.48 4.70 -17.65
C ASP A 688 13.66 5.64 -17.84
N ASN A 689 13.89 6.01 -19.10
CA ASN A 689 15.02 6.89 -19.41
C ASN A 689 14.92 8.17 -18.59
N VAL A 690 16.05 8.88 -18.49
CA VAL A 690 16.12 10.04 -17.62
C VAL A 690 15.23 11.16 -18.13
N GLN A 691 15.12 11.32 -19.46
CA GLN A 691 14.32 12.42 -19.99
C GLN A 691 12.84 12.25 -19.64
N THR A 692 12.29 11.06 -19.87
CA THR A 692 10.89 10.84 -19.57
C THR A 692 10.62 10.99 -18.08
N ALA A 693 11.51 10.46 -17.25
CA ALA A 693 11.34 10.58 -15.80
C ALA A 693 11.38 12.04 -15.37
N ARG A 694 12.30 12.81 -15.93
CA ARG A 694 12.38 14.23 -15.57
C ARG A 694 11.11 14.96 -15.98
N ALA A 695 10.61 14.71 -17.19
CA ALA A 695 9.40 15.38 -17.64
C ALA A 695 8.22 15.03 -16.75
N ILE A 696 8.04 13.75 -16.46
CA ILE A 696 6.90 13.32 -15.65
C ILE A 696 7.03 13.85 -14.23
N ALA A 697 8.25 13.91 -13.69
CA ALA A 697 8.44 14.45 -12.35
C ALA A 697 8.08 15.92 -12.31
N LEU A 698 8.53 16.70 -13.30
CA LEU A 698 8.17 18.11 -13.33
C LEU A 698 6.67 18.29 -13.42
N GLU A 699 6.00 17.49 -14.25
CA GLU A 699 4.56 17.62 -14.40
C GLU A 699 3.84 17.22 -13.11
N CYS A 700 4.32 16.17 -12.43
CA CYS A 700 3.67 15.64 -11.25
C CYS A 700 4.12 16.33 -9.96
N GLY A 701 5.04 17.28 -10.05
CA GLY A 701 5.44 18.06 -8.89
C GLY A 701 6.49 17.42 -8.01
N ILE A 702 6.92 16.19 -8.30
CA ILE A 702 7.94 15.54 -7.49
C ILE A 702 9.25 16.33 -7.56
N LEU A 703 9.64 16.74 -8.76
CA LEU A 703 10.90 17.43 -8.99
C LEU A 703 10.61 18.88 -9.34
N SER A 704 11.13 19.80 -8.53
CA SER A 704 10.94 21.22 -8.81
C SER A 704 11.83 21.64 -9.98
N SER A 705 11.60 22.86 -10.46
CA SER A 705 12.34 23.35 -11.62
C SER A 705 13.82 23.46 -11.33
N ASP A 706 14.18 23.95 -10.13
CA ASP A 706 15.58 24.20 -9.82
C ASP A 706 16.34 22.89 -9.59
N ALA A 707 17.65 22.94 -9.84
CA ALA A 707 18.53 21.79 -9.63
C ALA A 707 18.02 20.57 -10.41
N ASP A 708 17.59 20.80 -11.64
CA ASP A 708 17.01 19.72 -12.43
C ASP A 708 18.07 18.75 -12.93
N LEU A 709 19.21 19.27 -13.39
CA LEU A 709 20.25 18.45 -14.01
C LEU A 709 21.37 18.08 -13.05
N SER A 710 21.35 18.58 -11.82
CA SER A 710 22.42 18.29 -10.87
C SER A 710 22.47 16.79 -10.57
N GLU A 711 23.69 16.29 -10.34
CA GLU A 711 23.87 14.86 -10.07
C GLU A 711 23.07 14.37 -8.87
N PRO A 712 23.13 15.01 -7.70
CA PRO A 712 22.37 14.48 -6.56
C PRO A 712 20.87 14.45 -6.80
N THR A 713 20.33 15.43 -7.52
CA THR A 713 18.89 15.50 -7.72
C THR A 713 18.38 14.37 -8.62
N LEU A 714 19.18 13.93 -9.58
CA LEU A 714 18.77 12.80 -10.42
C LEU A 714 20.03 12.07 -10.89
N ILE A 715 20.10 10.78 -10.61
CA ILE A 715 21.24 9.95 -10.97
C ILE A 715 20.71 8.70 -11.67
N GLU A 716 21.46 8.20 -12.64
CA GLU A 716 21.09 6.95 -13.29
C GLU A 716 21.39 5.77 -12.38
N GLY A 717 20.79 4.63 -12.72
CA GLY A 717 20.99 3.44 -11.90
C GLY A 717 22.44 2.98 -11.86
N LYS A 718 23.11 3.00 -13.01
CA LYS A 718 24.49 2.53 -13.07
C LYS A 718 25.38 3.37 -12.18
N SER A 719 25.21 4.70 -12.21
CA SER A 719 26.02 5.56 -11.36
C SER A 719 25.76 5.25 -9.89
N PHE A 720 24.49 5.05 -9.52
CA PHE A 720 24.17 4.76 -8.12
C PHE A 720 24.80 3.45 -7.66
N ARG A 721 24.69 2.40 -8.47
CA ARG A 721 25.21 1.09 -8.09
C ARG A 721 26.73 1.05 -8.12
N GLU A 722 27.38 1.85 -8.97
CA GLU A 722 28.84 1.87 -9.01
C GLU A 722 29.45 2.12 -7.64
N MET A 723 28.78 2.90 -6.82
CA MET A 723 29.31 3.27 -5.51
C MET A 723 29.27 2.08 -4.57
N THR A 724 30.12 2.12 -3.55
CA THR A 724 30.06 1.13 -2.49
C THR A 724 28.88 1.42 -1.56
N ASP A 725 28.39 0.36 -0.90
CA ASP A 725 27.24 0.52 -0.02
C ASP A 725 27.50 1.58 1.04
N ALA A 726 28.77 1.79 1.39
CA ALA A 726 29.12 2.90 2.27
C ALA A 726 29.00 4.24 1.55
N GLU A 727 29.37 4.27 0.27
CA GLU A 727 29.31 5.51 -0.52
C GLU A 727 27.96 5.70 -1.19
N ARG A 728 27.04 4.75 -1.07
CA ARG A 728 25.68 4.89 -1.53
C ARG A 728 24.77 5.53 -0.49
N ASP A 729 25.34 6.05 0.60
CA ASP A 729 24.58 6.67 1.66
C ASP A 729 24.80 8.18 1.77
N LYS A 730 25.98 8.68 1.41
CA LYS A 730 26.18 10.11 1.36
C LYS A 730 25.39 10.79 0.25
N ILE A 731 24.81 10.01 -0.67
CA ILE A 731 24.11 10.56 -1.82
C ILE A 731 22.63 10.19 -1.76
N SER A 732 22.31 9.10 -1.09
CA SER A 732 20.93 8.60 -1.12
C SER A 732 19.94 9.55 -0.47
N ASP A 733 20.41 10.52 0.32
CA ASP A 733 19.51 11.47 0.96
C ASP A 733 19.02 12.55 0.00
N LYS A 734 19.68 12.72 -1.15
CA LYS A 734 19.36 13.78 -2.09
C LYS A 734 18.72 13.30 -3.37
N ILE A 735 18.61 11.98 -3.56
CA ILE A 735 18.12 11.43 -4.82
C ILE A 735 16.63 11.70 -4.92
N SER A 736 16.25 12.65 -5.78
CA SER A 736 14.86 13.01 -6.04
C SER A 736 14.28 12.27 -7.24
N VAL A 737 15.09 12.04 -8.27
CA VAL A 737 14.70 11.22 -9.42
C VAL A 737 15.81 10.20 -9.64
N MET A 738 15.45 9.08 -10.27
CA MET A 738 16.42 8.03 -10.56
C MET A 738 15.91 7.26 -11.77
N GLY A 739 16.49 7.54 -12.94
CA GLY A 739 16.13 6.86 -14.16
C GLY A 739 17.06 5.70 -14.46
N ARG A 740 16.56 4.77 -15.28
CA ARG A 740 17.32 3.59 -15.67
C ARG A 740 17.88 2.88 -14.45
N SER A 741 17.06 2.73 -13.42
CA SER A 741 17.44 2.08 -12.19
C SER A 741 16.93 0.64 -12.21
N SER A 742 17.86 -0.31 -12.08
CA SER A 742 17.47 -1.71 -12.04
C SER A 742 16.74 -2.02 -10.73
N PRO A 743 15.97 -3.10 -10.70
CA PRO A 743 15.29 -3.46 -9.44
C PRO A 743 16.24 -3.55 -8.27
N ASN A 744 17.43 -4.12 -8.48
CA ASN A 744 18.42 -4.14 -7.41
C ASN A 744 18.86 -2.74 -7.04
N ASP A 745 18.82 -1.79 -7.98
CA ASP A 745 19.16 -0.42 -7.65
C ASP A 745 18.07 0.24 -6.80
N LYS A 746 16.81 -0.09 -7.07
CA LYS A 746 15.74 0.35 -6.18
C LYS A 746 15.92 -0.23 -4.79
N LEU A 747 16.29 -1.52 -4.72
CA LEU A 747 16.56 -2.12 -3.41
C LEU A 747 17.71 -1.42 -2.72
N LEU A 748 18.76 -1.07 -3.47
CA LEU A 748 19.89 -0.35 -2.88
C LEU A 748 19.48 1.01 -2.36
N LEU A 749 18.65 1.73 -3.11
CA LEU A 749 18.18 3.04 -2.66
C LEU A 749 17.36 2.89 -1.37
N VAL A 750 16.46 1.91 -1.33
CA VAL A 750 15.68 1.69 -0.12
C VAL A 750 16.59 1.34 1.06
N GLN A 751 17.57 0.47 0.82
CA GLN A 751 18.48 0.06 1.88
C GLN A 751 19.27 1.27 2.41
N SER A 752 19.76 2.11 1.51
CA SER A 752 20.52 3.28 1.94
C SER A 752 19.65 4.25 2.73
N LEU A 753 18.44 4.50 2.24
CA LEU A 753 17.54 5.39 2.96
C LEU A 753 17.25 4.86 4.35
N ARG A 754 17.00 3.55 4.46
CA ARG A 754 16.75 2.96 5.78
C ARG A 754 17.98 3.04 6.66
N ARG A 755 19.17 2.80 6.09
CA ARG A 755 20.40 2.90 6.86
C ARG A 755 20.59 4.31 7.41
N GLN A 756 20.11 5.32 6.70
CA GLN A 756 20.22 6.68 7.20
C GLN A 756 19.13 7.04 8.21
N GLY A 757 18.22 6.11 8.51
CA GLY A 757 17.19 6.35 9.50
C GLY A 757 15.83 6.71 8.95
N HIS A 758 15.66 6.73 7.64
CA HIS A 758 14.37 7.06 7.07
C HIS A 758 13.41 5.88 7.23
N VAL A 759 12.13 6.19 7.46
CA VAL A 759 11.07 5.19 7.42
C VAL A 759 10.51 5.24 6.00
N VAL A 760 11.10 4.46 5.12
CA VAL A 760 10.85 4.60 3.68
C VAL A 760 9.56 3.89 3.33
N ALA A 761 8.67 4.60 2.64
CA ALA A 761 7.52 4.01 1.98
C ALA A 761 7.82 3.94 0.49
N VAL A 762 7.33 2.89 -0.17
CA VAL A 762 7.55 2.71 -1.59
C VAL A 762 6.22 2.38 -2.25
N THR A 763 5.82 3.21 -3.22
CA THR A 763 4.60 3.01 -3.98
C THR A 763 5.01 2.58 -5.39
N GLY A 764 4.74 1.32 -5.72
CA GLY A 764 5.11 0.79 -7.02
C GLY A 764 4.07 -0.20 -7.51
N ASP A 765 4.14 -0.51 -8.79
CA ASP A 765 3.20 -1.42 -9.44
C ASP A 765 3.88 -2.61 -10.11
N GLY A 766 5.02 -2.39 -10.76
CA GLY A 766 5.63 -3.44 -11.55
C GLY A 766 6.38 -4.46 -10.73
N THR A 767 6.80 -5.53 -11.40
CA THR A 767 7.60 -6.55 -10.75
C THR A 767 8.97 -6.04 -10.36
N ASN A 768 9.48 -5.02 -11.07
CA ASN A 768 10.78 -4.47 -10.74
C ASN A 768 10.78 -3.82 -9.36
N ASP A 769 9.62 -3.34 -8.90
CA ASP A 769 9.52 -2.67 -7.61
C ASP A 769 9.41 -3.65 -6.45
N ALA A 770 9.30 -4.95 -6.71
CA ALA A 770 9.07 -5.89 -5.63
C ALA A 770 10.19 -5.86 -4.59
N PRO A 771 11.47 -5.92 -4.96
CA PRO A 771 12.52 -5.82 -3.92
C PRO A 771 12.45 -4.54 -3.11
N ALA A 772 12.19 -3.41 -3.78
CA ALA A 772 12.08 -2.14 -3.07
C ALA A 772 10.86 -2.13 -2.15
N LEU A 773 9.74 -2.70 -2.61
CA LEU A 773 8.56 -2.77 -1.75
C LEU A 773 8.84 -3.62 -0.51
N HIS A 774 9.49 -4.78 -0.70
CA HIS A 774 9.73 -5.67 0.42
C HIS A 774 10.70 -5.04 1.41
N GLU A 775 11.84 -4.55 0.93
CA GLU A 775 12.83 -3.98 1.83
C GLU A 775 12.35 -2.70 2.50
N ALA A 776 11.31 -2.07 1.97
CA ALA A 776 10.83 -0.82 2.52
C ALA A 776 10.09 -1.04 3.83
N ASP A 777 10.04 0.01 4.65
CA ASP A 777 9.31 -0.08 5.91
C ASP A 777 7.82 -0.27 5.67
N ILE A 778 7.27 0.39 4.65
CA ILE A 778 5.85 0.27 4.31
C ILE A 778 5.74 0.30 2.78
N GLY A 779 5.39 -0.84 2.19
CA GLY A 779 5.29 -0.96 0.75
C GLY A 779 3.86 -0.84 0.29
N LEU A 780 3.59 0.16 -0.54
CA LEU A 780 2.28 0.38 -1.11
C LEU A 780 2.28 -0.10 -2.56
N ALA A 781 1.24 -0.86 -2.93
CA ALA A 781 1.13 -1.40 -4.27
C ALA A 781 -0.22 -1.04 -4.87
N MET A 782 -0.22 -0.68 -6.15
CA MET A 782 -1.47 -0.33 -6.81
C MET A 782 -2.35 -1.57 -6.97
N GLY A 783 -3.64 -1.39 -6.73
CA GLY A 783 -4.55 -2.53 -6.72
C GLY A 783 -4.70 -3.19 -8.06
N ILE A 784 -4.88 -2.40 -9.11
CA ILE A 784 -5.16 -2.91 -10.45
C ILE A 784 -3.92 -2.92 -11.33
N ALA A 785 -3.17 -1.82 -11.34
CA ALA A 785 -1.96 -1.76 -12.13
C ALA A 785 -0.86 -2.64 -11.55
N GLY A 786 -0.87 -2.83 -10.24
CA GLY A 786 0.21 -3.57 -9.61
C GLY A 786 0.27 -5.01 -10.09
N THR A 787 1.49 -5.54 -10.19
CA THR A 787 1.69 -6.93 -10.55
C THR A 787 1.46 -7.82 -9.32
N GLU A 788 1.29 -9.12 -9.58
CA GLU A 788 1.08 -10.05 -8.48
C GLU A 788 2.26 -10.04 -7.53
N VAL A 789 3.49 -10.00 -8.07
CA VAL A 789 4.67 -9.98 -7.21
C VAL A 789 4.71 -8.72 -6.37
N ALA A 790 4.43 -7.57 -6.99
CA ALA A 790 4.45 -6.31 -6.25
C ALA A 790 3.39 -6.31 -5.16
N LYS A 791 2.19 -6.79 -5.46
CA LYS A 791 1.13 -6.81 -4.46
C LYS A 791 1.45 -7.77 -3.32
N GLU A 792 2.05 -8.92 -3.64
CA GLU A 792 2.38 -9.89 -2.60
C GLU A 792 3.39 -9.32 -1.61
N SER A 793 4.37 -8.57 -2.10
CA SER A 793 5.43 -8.03 -1.26
C SER A 793 5.05 -6.71 -0.60
N SER A 794 3.84 -6.20 -0.84
CA SER A 794 3.40 -4.93 -0.30
C SER A 794 2.54 -5.15 0.94
N ASP A 795 2.77 -4.32 1.96
CA ASP A 795 1.95 -4.37 3.17
C ASP A 795 0.59 -3.74 2.95
N ILE A 796 0.51 -2.72 2.11
CA ILE A 796 -0.74 -2.06 1.75
C ILE A 796 -0.86 -2.09 0.24
N ILE A 797 -2.03 -2.45 -0.26
CA ILE A 797 -2.33 -2.40 -1.69
C ILE A 797 -3.42 -1.36 -1.89
N ILE A 798 -3.14 -0.36 -2.73
CA ILE A 798 -4.06 0.74 -2.97
C ILE A 798 -5.05 0.30 -4.03
N LEU A 799 -6.26 -0.06 -3.60
CA LEU A 799 -7.28 -0.49 -4.55
C LEU A 799 -7.82 0.67 -5.38
N ASP A 800 -7.62 1.91 -4.93
CA ASP A 800 -8.08 3.07 -5.70
C ASP A 800 -7.24 3.31 -6.93
N ASP A 801 -5.99 2.86 -6.95
CA ASP A 801 -5.06 3.20 -8.02
C ASP A 801 -4.88 4.71 -8.10
N ASN A 802 -4.84 5.36 -6.94
CA ASN A 802 -4.78 6.82 -6.86
C ASN A 802 -3.86 7.23 -5.72
N PHE A 803 -3.45 8.50 -5.76
CA PHE A 803 -2.54 9.05 -4.76
C PHE A 803 -3.28 9.71 -3.60
N ALA A 804 -4.49 10.23 -3.85
CA ALA A 804 -5.30 10.73 -2.75
C ALA A 804 -5.52 9.65 -1.71
N SER A 805 -5.62 8.39 -2.14
CA SER A 805 -5.71 7.29 -1.19
C SER A 805 -4.45 7.20 -0.34
N VAL A 806 -3.28 7.46 -0.95
CA VAL A 806 -2.04 7.43 -0.18
C VAL A 806 -2.04 8.54 0.88
N VAL A 807 -2.48 9.73 0.49
CA VAL A 807 -2.55 10.82 1.47
C VAL A 807 -3.53 10.46 2.60
N LYS A 808 -4.67 9.87 2.24
CA LYS A 808 -5.63 9.46 3.25
C LYS A 808 -5.04 8.40 4.17
N VAL A 809 -4.24 7.50 3.63
CA VAL A 809 -3.61 6.47 4.45
C VAL A 809 -2.61 7.09 5.41
N VAL A 810 -1.85 8.08 4.96
CA VAL A 810 -0.93 8.78 5.86
C VAL A 810 -1.71 9.44 6.99
N ARG A 811 -2.81 10.11 6.65
CA ARG A 811 -3.63 10.75 7.67
C ARG A 811 -4.18 9.72 8.65
N TRP A 812 -4.65 8.59 8.15
CA TRP A 812 -5.20 7.56 9.03
C TRP A 812 -4.12 6.99 9.95
N GLY A 813 -2.91 6.79 9.43
CA GLY A 813 -1.83 6.33 10.29
C GLY A 813 -1.50 7.32 11.38
N ARG A 814 -1.47 8.60 11.05
CA ARG A 814 -1.19 9.61 12.07
C ARG A 814 -2.31 9.63 13.12
N SER A 815 -3.56 9.51 12.69
CA SER A 815 -4.67 9.47 13.64
C SER A 815 -4.57 8.22 14.52
N VAL A 816 -4.18 7.10 13.95
CA VAL A 816 -4.00 5.87 14.74
C VAL A 816 -2.93 6.10 15.80
N TYR A 817 -1.82 6.72 15.42
CA TYR A 817 -0.76 6.97 16.40
C TYR A 817 -1.26 7.90 17.51
N ALA A 818 -2.02 8.93 17.15
CA ALA A 818 -2.55 9.83 18.17
C ALA A 818 -3.48 9.11 19.13
N ASN A 819 -4.36 8.25 18.59
CA ASN A 819 -5.28 7.52 19.46
C ASN A 819 -4.52 6.56 20.37
N ILE A 820 -3.49 5.90 19.84
CA ILE A 820 -2.69 5.00 20.67
C ILE A 820 -1.98 5.77 21.77
N GLN A 821 -1.49 6.97 21.44
CA GLN A 821 -0.85 7.80 22.47
C GLN A 821 -1.84 8.17 23.56
N LYS A 822 -3.05 8.56 23.18
CA LYS A 822 -4.06 8.93 24.18
C LYS A 822 -4.39 7.75 25.08
N PHE A 823 -4.60 6.58 24.49
CA PHE A 823 -4.89 5.42 25.33
C PHE A 823 -3.70 5.05 26.19
N ILE A 824 -2.48 5.23 25.70
CA ILE A 824 -1.30 4.95 26.51
C ILE A 824 -1.28 5.87 27.73
N GLN A 825 -1.58 7.15 27.52
CA GLN A 825 -1.70 8.07 28.65
C GLN A 825 -2.70 7.54 29.67
N PHE A 826 -3.89 7.16 29.21
CA PHE A 826 -4.94 6.69 30.12
C PHE A 826 -4.48 5.44 30.87
N GLN A 827 -3.90 4.48 30.15
CA GLN A 827 -3.51 3.21 30.77
C GLN A 827 -2.37 3.41 31.75
N LEU A 828 -1.41 4.27 31.44
CA LEU A 828 -0.33 4.55 32.38
C LEU A 828 -0.87 5.23 33.63
N THR A 829 -1.83 6.15 33.46
CA THR A 829 -2.48 6.72 34.63
C THR A 829 -3.04 5.62 35.52
N VAL A 830 -3.81 4.70 34.93
CA VAL A 830 -4.43 3.64 35.72
C VAL A 830 -3.37 2.82 36.43
N ASN A 831 -2.36 2.36 35.68
CA ASN A 831 -1.37 1.45 36.24
C ASN A 831 -0.54 2.11 37.33
N VAL A 832 -0.11 3.35 37.12
CA VAL A 832 0.74 4.01 38.10
C VAL A 832 -0.05 4.48 39.32
N ALA A 833 -1.35 4.71 39.19
CA ALA A 833 -2.15 4.96 40.39
C ALA A 833 -2.33 3.67 41.19
N ALA A 834 -2.64 2.57 40.51
CA ALA A 834 -2.89 1.32 41.21
C ALA A 834 -1.63 0.76 41.85
N LEU A 835 -0.49 0.89 41.17
CA LEU A 835 0.76 0.40 41.74
C LEU A 835 1.06 1.11 43.05
N VAL A 836 0.94 2.43 43.07
CA VAL A 836 1.19 3.19 44.28
C VAL A 836 0.20 2.79 45.37
N ILE A 837 -1.08 2.71 45.02
CA ILE A 837 -2.09 2.38 46.03
C ILE A 837 -1.76 1.04 46.67
N ASN A 838 -1.54 0.01 45.84
CA ASN A 838 -1.32 -1.32 46.36
C ASN A 838 -0.01 -1.41 47.14
N VAL A 839 1.06 -0.78 46.66
CA VAL A 839 2.34 -0.86 47.34
C VAL A 839 2.27 -0.19 48.71
N VAL A 840 1.72 1.02 48.76
CA VAL A 840 1.61 1.73 50.03
C VAL A 840 0.72 0.95 50.99
N ALA A 841 -0.40 0.43 50.51
CA ALA A 841 -1.28 -0.33 51.38
C ALA A 841 -0.59 -1.59 51.91
N ALA A 842 0.18 -2.27 51.05
CA ALA A 842 0.85 -3.49 51.48
C ALA A 842 1.90 -3.20 52.54
N ILE A 843 2.74 -2.18 52.32
CA ILE A 843 3.77 -1.88 53.30
C ILE A 843 3.14 -1.39 54.60
N SER A 844 2.05 -0.61 54.51
CA SER A 844 1.47 -0.01 55.70
C SER A 844 0.71 -1.04 56.53
N SER A 845 -0.07 -1.91 55.89
CA SER A 845 -0.93 -2.84 56.60
C SER A 845 -0.90 -4.27 56.06
N GLY A 846 -0.31 -4.52 54.89
CA GLY A 846 -0.27 -5.85 54.33
C GLY A 846 -1.50 -6.25 53.55
N ASP A 847 -2.42 -5.32 53.31
CA ASP A 847 -3.64 -5.59 52.55
C ASP A 847 -3.67 -4.71 51.31
N VAL A 848 -4.25 -5.24 50.23
CA VAL A 848 -4.32 -4.57 48.94
C VAL A 848 -5.76 -4.15 48.70
N PRO A 849 -6.05 -2.86 48.55
CA PRO A 849 -7.44 -2.45 48.30
C PRO A 849 -7.95 -2.92 46.94
N LEU A 850 -7.12 -2.77 45.91
CA LEU A 850 -7.50 -3.13 44.55
C LEU A 850 -7.08 -4.57 44.30
N THR A 851 -8.01 -5.49 44.51
CA THR A 851 -7.73 -6.90 44.27
C THR A 851 -7.27 -7.10 42.83
N ALA A 852 -6.61 -8.23 42.58
CA ALA A 852 -6.11 -8.51 41.24
C ALA A 852 -7.24 -8.58 40.23
N VAL A 853 -8.35 -9.24 40.60
CA VAL A 853 -9.45 -9.42 39.66
C VAL A 853 -10.15 -8.09 39.39
N GLN A 854 -10.33 -7.27 40.43
CA GLN A 854 -10.97 -5.97 40.24
C GLN A 854 -10.26 -5.18 39.15
N LEU A 855 -8.94 -5.03 39.29
CA LEU A 855 -8.20 -4.21 38.34
C LEU A 855 -8.01 -4.92 37.01
N LEU A 856 -7.99 -6.26 37.00
CA LEU A 856 -7.96 -6.96 35.73
C LEU A 856 -9.24 -6.67 34.94
N TRP A 857 -10.39 -6.66 35.62
CA TRP A 857 -11.63 -6.28 34.97
C TRP A 857 -11.59 -4.82 34.52
N VAL A 858 -11.07 -3.93 35.36
CA VAL A 858 -10.97 -2.53 34.97
C VAL A 858 -10.15 -2.41 33.70
N ASN A 859 -8.95 -2.98 33.70
CA ASN A 859 -8.09 -2.91 32.52
C ASN A 859 -8.81 -3.47 31.31
N LEU A 860 -9.29 -4.71 31.40
CA LEU A 860 -9.92 -5.36 30.26
C LEU A 860 -11.05 -4.50 29.70
N ILE A 861 -12.10 -4.28 30.49
CA ILE A 861 -13.30 -3.66 29.96
C ILE A 861 -13.04 -2.20 29.60
N MET A 862 -12.41 -1.44 30.50
CA MET A 862 -12.20 -0.02 30.24
C MET A 862 -11.32 0.19 29.02
N ASP A 863 -10.27 -0.61 28.85
CA ASP A 863 -9.44 -0.47 27.66
C ASP A 863 -10.22 -0.87 26.42
N THR A 864 -10.84 -2.05 26.42
CA THR A 864 -11.52 -2.52 25.21
C THR A 864 -12.65 -1.58 24.80
N LEU A 865 -13.17 -0.78 25.73
CA LEU A 865 -14.23 0.17 25.38
C LEU A 865 -13.70 1.57 25.09
N GLY A 866 -12.80 2.09 25.91
CA GLY A 866 -12.29 3.43 25.69
C GLY A 866 -11.37 3.54 24.48
N ALA A 867 -10.64 2.47 24.15
CA ALA A 867 -9.81 2.50 22.96
C ALA A 867 -10.65 2.81 21.73
N LEU A 868 -11.74 2.06 21.55
CA LEU A 868 -12.61 2.32 20.41
C LEU A 868 -13.43 3.58 20.59
N ALA A 869 -13.72 3.98 21.83
CA ALA A 869 -14.43 5.25 22.04
C ALA A 869 -13.60 6.42 21.54
N LEU A 870 -12.30 6.43 21.86
CA LEU A 870 -11.40 7.44 21.31
C LEU A 870 -11.19 7.25 19.82
N ALA A 871 -11.16 5.99 19.36
CA ALA A 871 -11.01 5.72 17.94
C ALA A 871 -12.14 6.31 17.11
N THR A 872 -13.31 6.53 17.72
CA THR A 872 -14.42 7.11 16.99
C THR A 872 -14.09 8.50 16.46
N GLU A 873 -13.10 9.18 17.05
CA GLU A 873 -12.67 10.48 16.58
C GLU A 873 -12.24 10.39 15.12
N PRO A 874 -13.00 10.96 14.18
CA PRO A 874 -12.60 10.87 12.78
C PRO A 874 -11.29 11.60 12.56
N PRO A 875 -10.46 11.11 11.65
CA PRO A 875 -9.18 11.81 11.37
C PRO A 875 -9.44 13.24 10.92
N THR A 876 -8.57 14.14 11.36
CA THR A 876 -8.65 15.55 11.03
C THR A 876 -7.43 15.99 10.24
N ASP A 877 -7.62 16.95 9.34
CA ASP A 877 -6.53 17.44 8.53
C ASP A 877 -5.43 18.09 9.36
N HIS A 878 -5.72 18.42 10.62
CA HIS A 878 -4.70 19.02 11.48
C HIS A 878 -3.45 18.16 11.51
N LEU A 879 -3.62 16.84 11.57
CA LEU A 879 -2.46 15.95 11.66
C LEU A 879 -1.54 16.11 10.46
N MET A 880 -2.07 16.51 9.31
CA MET A 880 -1.23 16.67 8.13
C MET A 880 -0.33 17.89 8.25
N GLY A 881 -0.71 18.89 9.05
CA GLY A 881 0.12 20.07 9.18
C GLY A 881 1.47 19.76 9.79
N ARG A 882 1.49 18.95 10.84
CA ARG A 882 2.73 18.63 11.53
C ARG A 882 3.58 17.68 10.69
N PRO A 883 4.90 17.75 10.81
CA PRO A 883 5.77 16.79 10.12
C PRO A 883 5.59 15.40 10.69
N PRO A 884 6.16 14.38 10.06
CA PRO A 884 6.02 13.02 10.58
C PRO A 884 6.79 12.84 11.88
N VAL A 885 6.38 11.82 12.64
CA VAL A 885 7.06 11.52 13.89
C VAL A 885 8.53 11.24 13.62
N GLY A 886 9.37 11.53 14.61
CA GLY A 886 10.81 11.45 14.43
C GLY A 886 11.41 10.07 14.55
N ARG A 887 10.61 9.04 14.81
CA ARG A 887 11.08 7.66 14.90
C ARG A 887 11.91 7.44 16.16
N LYS A 888 12.20 8.50 16.90
CA LYS A 888 13.01 8.42 18.11
C LYS A 888 12.40 9.14 19.30
N GLU A 889 11.44 10.04 19.11
CA GLU A 889 10.80 10.69 20.23
C GLU A 889 10.05 9.65 21.07
N PRO A 890 10.02 9.83 22.38
CA PRO A 890 9.34 8.84 23.23
C PRO A 890 7.86 8.76 22.90
N LEU A 891 7.30 7.56 23.03
CA LEU A 891 5.88 7.38 22.78
C LEU A 891 5.04 8.22 23.72
N ILE A 892 5.48 8.40 24.96
CA ILE A 892 4.78 9.23 25.94
C ILE A 892 5.47 10.58 25.95
N THR A 893 4.85 11.56 25.29
CA THR A 893 5.38 12.91 25.32
C THR A 893 5.27 13.47 26.73
N ASN A 894 6.13 14.45 27.03
CA ASN A 894 6.16 15.02 28.38
C ASN A 894 4.78 15.53 28.79
N ILE A 895 3.99 16.04 27.83
CA ILE A 895 2.65 16.51 28.16
C ILE A 895 1.80 15.35 28.67
N MET A 896 1.86 14.21 27.98
CA MET A 896 1.13 13.04 28.44
C MET A 896 1.63 12.58 29.80
N TRP A 897 2.95 12.69 30.03
CA TRP A 897 3.49 12.33 31.32
C TRP A 897 2.91 13.20 32.43
N ARG A 898 2.87 14.51 32.20
CA ARG A 898 2.30 15.40 33.22
C ARG A 898 0.83 15.10 33.45
N ASN A 899 0.07 14.89 32.36
CA ASN A 899 -1.36 14.61 32.51
C ASN A 899 -1.60 13.35 33.33
N LEU A 900 -0.96 12.25 32.94
CA LEU A 900 -1.18 10.99 33.63
C LEU A 900 -0.65 11.06 35.05
N LEU A 901 0.45 11.77 35.27
CA LEU A 901 1.00 11.90 36.62
C LEU A 901 0.06 12.67 37.53
N ILE A 902 -0.54 13.76 37.03
CA ILE A 902 -1.49 14.52 37.83
C ILE A 902 -2.70 13.68 38.17
N GLN A 903 -3.28 13.02 37.17
CA GLN A 903 -4.46 12.19 37.44
C GLN A 903 -4.13 11.08 38.42
N ALA A 904 -2.99 10.42 38.23
CA ALA A 904 -2.60 9.33 39.13
C ALA A 904 -2.35 9.83 40.53
N ILE A 905 -1.76 11.01 40.68
CA ILE A 905 -1.52 11.55 42.01
C ILE A 905 -2.85 11.83 42.71
N TYR A 906 -3.80 12.42 41.99
CA TYR A 906 -5.10 12.66 42.62
C TYR A 906 -5.75 11.36 43.05
N GLN A 907 -5.74 10.37 42.16
CA GLN A 907 -6.38 9.09 42.50
C GLN A 907 -5.67 8.43 43.68
N VAL A 908 -4.34 8.45 43.68
CA VAL A 908 -3.59 7.90 44.81
C VAL A 908 -4.02 8.59 46.09
N SER A 909 -4.09 9.92 46.07
CA SER A 909 -4.42 10.65 47.28
C SER A 909 -5.79 10.26 47.81
N VAL A 910 -6.83 10.35 46.96
CA VAL A 910 -8.18 10.09 47.44
C VAL A 910 -8.31 8.63 47.87
N LEU A 911 -7.80 7.70 47.07
CA LEU A 911 -8.03 6.30 47.37
C LEU A 911 -7.19 5.85 48.56
N LEU A 912 -6.04 6.45 48.81
CA LEU A 912 -5.27 6.09 49.99
C LEU A 912 -5.89 6.68 51.25
N THR A 913 -6.30 7.95 51.22
CA THR A 913 -6.98 8.50 52.38
C THR A 913 -8.23 7.69 52.69
N LEU A 914 -8.94 7.24 51.66
CA LEU A 914 -10.07 6.34 51.89
C LEU A 914 -9.59 5.02 52.50
N ASN A 915 -8.62 4.36 51.88
CA ASN A 915 -8.19 3.07 52.38
C ASN A 915 -7.77 3.13 53.84
N PHE A 916 -7.28 4.29 54.29
CA PHE A 916 -6.79 4.40 55.66
C PHE A 916 -7.81 4.99 56.64
N ARG A 917 -8.81 5.74 56.18
CA ARG A 917 -9.73 6.38 57.13
C ARG A 917 -11.17 6.36 56.63
N GLY A 918 -11.55 5.38 55.80
CA GLY A 918 -12.85 5.41 55.18
C GLY A 918 -13.99 4.99 56.08
N ILE A 919 -13.73 4.03 56.97
CA ILE A 919 -14.77 3.60 57.90
C ILE A 919 -15.23 4.79 58.73
N SER A 920 -14.28 5.62 59.17
CA SER A 920 -14.65 6.83 59.91
C SER A 920 -15.21 7.91 58.99
N ILE A 921 -14.59 8.11 57.83
CA ILE A 921 -15.04 9.18 56.93
C ILE A 921 -16.41 8.86 56.38
N LEU A 922 -16.60 7.66 55.85
CA LEU A 922 -17.91 7.25 55.37
C LEU A 922 -18.85 7.06 56.56
N GLY A 923 -20.08 7.52 56.41
CA GLY A 923 -21.06 7.42 57.46
C GLY A 923 -21.25 5.97 57.91
N LEU A 924 -22.00 5.82 59.01
CA LEU A 924 -22.30 4.51 59.56
C LEU A 924 -21.01 3.73 59.83
N GLU A 925 -20.08 4.40 60.52
CA GLU A 925 -18.76 3.84 60.74
C GLU A 925 -18.82 2.55 61.56
N HIS A 926 -18.14 1.53 61.05
CA HIS A 926 -17.82 0.29 61.78
C HIS A 926 -18.97 -0.17 62.68
N GLU A 927 -20.12 -0.43 62.05
CA GLU A 927 -21.15 -1.19 62.72
C GLU A 927 -20.76 -2.66 62.78
N VAL A 928 -20.18 -3.17 61.70
CA VAL A 928 -19.50 -4.46 61.68
C VAL A 928 -18.18 -4.27 60.95
N HIS A 929 -17.08 -4.64 61.60
CA HIS A 929 -15.76 -4.28 61.06
C HIS A 929 -15.54 -4.90 59.69
N GLU A 930 -15.91 -6.16 59.51
CA GLU A 930 -15.72 -6.81 58.21
C GLU A 930 -16.60 -6.15 57.15
N HIS A 931 -17.87 -5.90 57.47
CA HIS A 931 -18.77 -5.25 56.52
C HIS A 931 -18.29 -3.83 56.20
N ALA A 932 -17.84 -3.09 57.21
CA ALA A 932 -17.34 -1.74 56.97
C ALA A 932 -16.10 -1.77 56.08
N THR A 933 -15.20 -2.72 56.34
CA THR A 933 -14.00 -2.82 55.52
C THR A 933 -14.35 -3.16 54.08
N ARG A 934 -15.28 -4.09 53.87
CA ARG A 934 -15.69 -4.44 52.51
C ARG A 934 -16.33 -3.24 51.82
N VAL A 935 -17.17 -2.50 52.55
CA VAL A 935 -17.82 -1.33 51.95
C VAL A 935 -16.77 -0.29 51.56
N LYS A 936 -15.79 -0.05 52.43
CA LYS A 936 -14.75 0.91 52.12
C LYS A 936 -13.95 0.48 50.89
N ASN A 937 -13.62 -0.81 50.82
CA ASN A 937 -12.88 -1.31 49.66
C ASN A 937 -13.70 -1.15 48.38
N THR A 938 -15.01 -1.42 48.45
CA THR A 938 -15.85 -1.25 47.27
C THR A 938 -15.92 0.22 46.86
N ILE A 939 -16.02 1.12 47.83
CA ILE A 939 -16.02 2.54 47.51
C ILE A 939 -14.73 2.90 46.79
N ILE A 940 -13.61 2.44 47.31
CA ILE A 940 -12.32 2.73 46.68
C ILE A 940 -12.30 2.18 45.26
N PHE A 941 -12.74 0.94 45.08
CA PHE A 941 -12.64 0.31 43.76
C PHE A 941 -13.52 1.02 42.73
N ASN A 942 -14.79 1.24 43.05
CA ASN A 942 -15.66 1.82 42.04
C ASN A 942 -15.43 3.31 41.88
N ALA A 943 -14.89 3.99 42.89
CA ALA A 943 -14.41 5.35 42.67
C ALA A 943 -13.21 5.36 41.74
N PHE A 944 -12.34 4.35 41.87
CA PHE A 944 -11.26 4.18 40.91
C PHE A 944 -11.81 4.01 39.50
N VAL A 945 -12.83 3.18 39.35
CA VAL A 945 -13.41 2.92 38.04
C VAL A 945 -14.01 4.21 37.47
N LEU A 946 -14.76 4.96 38.28
CA LEU A 946 -15.38 6.17 37.79
C LEU A 946 -14.33 7.23 37.45
N CYS A 947 -13.29 7.34 38.26
CA CYS A 947 -12.20 8.25 37.94
C CYS A 947 -11.56 7.86 36.61
N GLN A 948 -11.41 6.56 36.36
CA GLN A 948 -10.87 6.13 35.07
C GLN A 948 -11.79 6.52 33.93
N ALA A 949 -13.10 6.36 34.11
CA ALA A 949 -14.05 6.73 33.06
C ALA A 949 -13.96 8.22 32.75
N PHE A 950 -13.90 9.05 33.79
CA PHE A 950 -13.86 10.49 33.55
C PHE A 950 -12.50 10.93 33.04
N ASN A 951 -11.44 10.22 33.40
CA ASN A 951 -10.14 10.49 32.78
C ASN A 951 -10.15 10.10 31.31
N GLU A 952 -10.90 9.06 30.94
CA GLU A 952 -11.09 8.75 29.53
C GLU A 952 -11.84 9.88 28.84
N PHE A 953 -12.87 10.43 29.49
CA PHE A 953 -13.50 11.64 28.99
C PHE A 953 -12.47 12.72 28.70
N ASN A 954 -11.58 12.98 29.67
CA ASN A 954 -10.59 14.04 29.50
C ASN A 954 -9.64 13.71 28.34
N ALA A 955 -9.15 12.48 28.29
CA ALA A 955 -8.21 12.08 27.25
C ALA A 955 -8.83 12.11 25.86
N ARG A 956 -10.16 12.06 25.78
CA ARG A 956 -10.81 12.15 24.47
C ARG A 956 -10.41 13.44 23.77
N LYS A 957 -10.37 14.56 24.49
CA LYS A 957 -10.00 15.86 23.93
C LYS A 957 -8.91 16.48 24.81
N PRO A 958 -7.67 16.04 24.66
CA PRO A 958 -6.59 16.55 25.49
C PRO A 958 -5.98 17.85 24.95
N ASP A 959 -5.19 18.49 25.81
CA ASP A 959 -4.44 19.69 25.43
C ASP A 959 -5.37 20.80 24.93
N GLU A 960 -6.52 20.96 25.57
CA GLU A 960 -7.45 22.03 25.26
C GLU A 960 -8.62 21.94 26.24
N LYS A 961 -9.45 22.97 26.25
CA LYS A 961 -10.68 22.93 27.02
C LYS A 961 -11.67 21.98 26.37
N ASN A 962 -12.31 21.15 27.20
CA ASN A 962 -13.26 20.18 26.70
C ASN A 962 -14.48 20.87 26.12
N ILE A 963 -14.86 20.50 24.90
CA ILE A 963 -16.11 20.98 24.32
C ILE A 963 -17.32 20.20 24.80
N PHE A 964 -17.10 19.03 25.40
CA PHE A 964 -18.16 18.25 26.02
C PHE A 964 -19.27 17.93 25.03
N LYS A 965 -18.88 17.58 23.80
CA LYS A 965 -19.82 17.19 22.75
C LYS A 965 -19.32 15.87 22.16
N GLY A 966 -19.70 14.76 22.79
CA GLY A 966 -19.28 13.46 22.33
C GLY A 966 -20.14 12.94 21.18
N VAL A 967 -19.65 11.87 20.57
CA VAL A 967 -20.36 11.22 19.46
C VAL A 967 -21.37 10.24 20.02
N ILE A 968 -22.30 9.79 19.18
CA ILE A 968 -23.35 8.89 19.65
C ILE A 968 -22.76 7.60 20.20
N LYS A 969 -21.78 7.03 19.48
CA LYS A 969 -21.18 5.77 19.92
C LYS A 969 -20.48 5.95 21.25
N ASN A 970 -19.80 7.08 21.46
CA ASN A 970 -19.13 7.32 22.73
C ASN A 970 -20.14 7.38 23.87
N ARG A 971 -21.26 8.06 23.67
CA ARG A 971 -22.29 8.11 24.70
C ARG A 971 -22.86 6.73 24.98
N LEU A 972 -23.09 5.94 23.92
CA LEU A 972 -23.59 4.58 24.11
C LEU A 972 -22.61 3.75 24.93
N PHE A 973 -21.32 3.86 24.64
CA PHE A 973 -20.34 3.06 25.37
C PHE A 973 -20.14 3.56 26.79
N MET A 974 -20.27 4.87 27.02
CA MET A 974 -20.27 5.36 28.39
C MET A 974 -21.46 4.82 29.17
N GLY A 975 -22.63 4.79 28.55
CA GLY A 975 -23.77 4.15 29.18
C GLY A 975 -23.51 2.68 29.47
N ILE A 976 -22.87 1.99 28.54
CA ILE A 976 -22.54 0.58 28.74
C ILE A 976 -21.61 0.42 29.93
N ILE A 977 -20.59 1.26 30.04
CA ILE A 977 -19.66 1.17 31.16
C ILE A 977 -20.39 1.43 32.46
N VAL A 978 -21.23 2.46 32.49
CA VAL A 978 -21.95 2.79 33.72
C VAL A 978 -22.85 1.64 34.13
N ILE A 979 -23.58 1.06 33.17
CA ILE A 979 -24.54 0.01 33.52
C ILE A 979 -23.82 -1.26 33.93
N THR A 980 -22.72 -1.62 33.26
CA THR A 980 -21.98 -2.81 33.66
C THR A 980 -21.36 -2.63 35.04
N LEU A 981 -20.80 -1.46 35.33
CA LEU A 981 -20.26 -1.22 36.67
C LEU A 981 -21.35 -1.27 37.72
N VAL A 982 -22.50 -0.65 37.46
CA VAL A 982 -23.58 -0.65 38.43
C VAL A 982 -24.08 -2.07 38.66
N LEU A 983 -24.22 -2.85 37.60
CA LEU A 983 -24.65 -4.24 37.78
C LEU A 983 -23.63 -5.04 38.56
N GLN A 984 -22.34 -4.87 38.25
CA GLN A 984 -21.30 -5.62 38.95
C GLN A 984 -21.31 -5.31 40.44
N VAL A 985 -21.44 -4.04 40.80
CA VAL A 985 -21.39 -3.67 42.22
C VAL A 985 -22.69 -4.07 42.92
N ILE A 986 -23.83 -3.76 42.31
CA ILE A 986 -25.11 -3.84 43.02
C ILE A 986 -25.49 -5.29 43.29
N ILE A 987 -25.34 -6.16 42.29
CA ILE A 987 -25.69 -7.57 42.44
C ILE A 987 -24.41 -8.37 42.61
N VAL A 988 -24.40 -9.27 43.60
CA VAL A 988 -23.21 -10.05 43.92
C VAL A 988 -23.29 -11.49 43.41
N GLU A 989 -24.44 -11.91 42.86
CA GLU A 989 -24.63 -13.28 42.41
C GLU A 989 -24.57 -13.34 40.89
N PHE A 990 -23.74 -14.23 40.36
CA PHE A 990 -23.44 -14.40 38.94
C PHE A 990 -22.64 -13.24 38.37
N LEU A 991 -22.35 -12.21 39.16
CA LEU A 991 -21.50 -11.10 38.75
C LEU A 991 -21.13 -10.29 39.98
N GLY A 992 -19.84 -10.02 40.16
CA GLY A 992 -19.35 -9.40 41.38
C GLY A 992 -18.89 -10.38 42.45
N LYS A 993 -19.12 -11.67 42.27
CA LYS A 993 -18.57 -12.66 43.19
C LYS A 993 -17.06 -12.58 43.22
N PHE A 994 -16.43 -12.49 42.05
CA PHE A 994 -14.98 -12.49 41.97
C PHE A 994 -14.39 -11.13 42.32
N ALA A 995 -15.10 -10.04 41.99
CA ALA A 995 -14.63 -8.72 42.39
C ALA A 995 -14.77 -8.50 43.90
N SER A 996 -15.59 -9.30 44.57
CA SER A 996 -15.78 -9.21 46.02
C SER A 996 -16.25 -7.81 46.41
N THR A 997 -17.44 -7.46 45.93
CA THR A 997 -18.02 -6.15 46.14
C THR A 997 -19.36 -6.27 46.85
N THR A 998 -19.54 -5.50 47.92
CA THR A 998 -20.77 -5.48 48.67
C THR A 998 -21.72 -4.41 48.13
N LYS A 999 -23.01 -4.66 48.29
CA LYS A 999 -24.03 -3.70 47.86
C LYS A 999 -23.72 -2.31 48.41
N LEU A 1000 -24.13 -1.28 47.68
CA LEU A 1000 -23.92 0.11 48.07
C LEU A 1000 -25.25 0.85 48.07
N ASN A 1001 -25.43 1.73 49.05
CA ASN A 1001 -26.62 2.56 49.12
C ASN A 1001 -26.44 3.80 48.25
N TRP A 1002 -27.56 4.50 48.01
CA TRP A 1002 -27.54 5.63 47.08
C TRP A 1002 -26.54 6.69 47.51
N LYS A 1003 -26.40 6.94 48.80
CA LYS A 1003 -25.44 7.93 49.27
C LYS A 1003 -24.02 7.51 48.91
N GLN A 1004 -23.70 6.23 49.07
CA GLN A 1004 -22.37 5.76 48.73
C GLN A 1004 -22.09 5.88 47.23
N TRP A 1005 -23.07 5.54 46.40
CA TRP A 1005 -22.92 5.70 44.96
C TRP A 1005 -22.72 7.17 44.60
N LEU A 1006 -23.45 8.06 45.27
CA LEU A 1006 -23.24 9.49 45.04
C LEU A 1006 -21.85 9.91 45.44
N ILE A 1007 -21.34 9.36 46.54
CA ILE A 1007 -19.96 9.66 46.95
C ILE A 1007 -18.99 9.22 45.87
N CYS A 1008 -19.22 8.05 45.29
CA CYS A 1008 -18.33 7.55 44.25
C CYS A 1008 -18.39 8.42 43.00
N VAL A 1009 -19.59 8.79 42.55
CA VAL A 1009 -19.67 9.63 41.36
C VAL A 1009 -19.09 11.00 41.63
N GLY A 1010 -19.20 11.51 42.87
CA GLY A 1010 -18.53 12.76 43.19
C GLY A 1010 -17.03 12.65 43.12
N ILE A 1011 -16.47 11.57 43.68
CA ILE A 1011 -15.02 11.35 43.60
C ILE A 1011 -14.59 11.28 42.14
N GLY A 1012 -15.40 10.63 41.30
CA GLY A 1012 -15.09 10.62 39.88
C GLY A 1012 -15.16 12.00 39.25
N VAL A 1013 -16.21 12.76 39.56
CA VAL A 1013 -16.42 14.06 38.93
C VAL A 1013 -15.28 15.00 39.27
N ILE A 1014 -14.76 14.91 40.50
CA ILE A 1014 -13.66 15.78 40.89
C ILE A 1014 -12.46 15.66 39.94
N SER A 1015 -12.42 14.60 39.13
CA SER A 1015 -11.30 14.43 38.19
C SER A 1015 -11.31 15.50 37.11
N TRP A 1016 -12.48 15.89 36.63
CA TRP A 1016 -12.55 16.81 35.49
C TRP A 1016 -11.92 18.16 35.80
N PRO A 1017 -12.26 18.85 36.88
CA PRO A 1017 -11.63 20.17 37.12
C PRO A 1017 -10.12 20.12 37.21
N LEU A 1018 -9.57 19.14 37.94
CA LEU A 1018 -8.12 19.05 38.03
C LEU A 1018 -7.50 18.65 36.70
N ALA A 1019 -8.22 17.84 35.91
CA ALA A 1019 -7.74 17.53 34.57
C ALA A 1019 -7.62 18.79 33.73
N LEU A 1020 -8.64 19.65 33.77
CA LEU A 1020 -8.60 20.90 33.02
C LEU A 1020 -7.47 21.79 33.53
N VAL A 1021 -7.31 21.89 34.85
CA VAL A 1021 -6.26 22.73 35.42
C VAL A 1021 -4.89 22.23 34.96
N GLY A 1022 -4.66 20.92 35.02
CA GLY A 1022 -3.41 20.38 34.54
C GLY A 1022 -3.19 20.63 33.06
N LYS A 1023 -4.27 20.54 32.28
CA LYS A 1023 -4.14 20.80 30.85
C LYS A 1023 -3.72 22.23 30.58
N PHE A 1024 -4.29 23.19 31.32
CA PHE A 1024 -4.02 24.60 31.08
C PHE A 1024 -2.81 25.14 31.83
N ILE A 1025 -2.16 24.34 32.67
CA ILE A 1025 -1.04 24.79 33.48
C ILE A 1025 0.17 23.93 33.14
N PRO A 1026 1.34 24.52 32.88
CA PRO A 1026 2.53 23.67 32.67
C PRO A 1026 2.91 22.86 33.90
N VAL A 1027 2.46 23.29 35.08
CA VAL A 1027 2.76 22.58 36.32
C VAL A 1027 2.23 21.16 36.24
MG MG B . 5.63 0.64 -12.90
BE BEF C . 8.57 2.11 -12.73
F1 BEF C . 9.94 1.71 -12.40
F2 BEF C . 7.62 1.10 -13.25
F3 BEF C . 8.25 3.54 -12.88
#